data_7EN0
#
_entry.id   7EN0
#
_cell.length_a   1.00
_cell.length_b   1.00
_cell.length_c   1.00
_cell.angle_alpha   90.00
_cell.angle_beta   90.00
_cell.angle_gamma   90.00
#
_symmetry.space_group_name_H-M   'P 1'
#
loop_
_entity.id
_entity.type
_entity.pdbx_description
1 polymer 'SLow Anion Channel 1'
2 non-polymer 'DIUNDECYL PHOSPHATIDYL CHOLINE'
3 non-polymer SPHINGOSINE
#
_entity_poly.entity_id   1
_entity_poly.type   'polypeptide(L)'
_entity_poly.pdbx_seq_one_letter_code
;MAADPSSSTTTTGHGLHATEEARQAAMSGPISARRPPPPASQRAFSRQVSLGSGVTVLGMDRVGGGGRNGGRRSALPRSG
KSLGVLNNNINHSGALGGGGGERRGGGDFSMFRTKSTLNKQNSMLPSRIREELDDVDLGRVEGGGQSAGRPDEDPLNKSV
PAGRYFAALRGPELDEVRDYEDILLPKDEVWPFLLRFPIGCFGVCLGLGSQAILWGALAASPAMRFLRVTPMINLAVWLL
AAAVLAATSVTYALKCVFYFEAIRREFFHPVRVNFFFTPSIAAMFLAIGLPRALAPADGRAMHPAVWCASVAPLFALELK
IYGQWLSGGKRRLCKVANPSSHLSVVGNFVGAILAARVGWVEAGKFLWAIGVAHYIVVFVTLYQRLPTNEALPMELHPVY
SMFIATPSAASLAWAAIYGSFDAVARTFFFMALFLYMSLVVRINFFRGFRFSIAWWSYTFPMTTASLATVKYAEAVPCFL
SRALALSLSLMSTTMVSLLLVSTLLHAFVWRSLFPNDLAIAITKDRQNGGARPHGKGRKAGKRVYDIKRWAKQAPLSLVS
SITKTNSADKEEEEKTD
;
_entity_poly.pdbx_strand_id   A,B,C
#
# COMPACT_ATOMS: atom_id res chain seq x y z
N TRP A 191 21.83 5.11 -44.56
CA TRP A 191 22.88 5.15 -43.55
C TRP A 191 22.76 3.97 -42.60
N PRO A 192 23.80 3.12 -42.55
CA PRO A 192 23.78 1.97 -41.64
C PRO A 192 23.98 2.34 -40.18
N PHE A 193 24.24 3.62 -39.87
CA PHE A 193 24.43 4.02 -38.48
C PHE A 193 23.11 4.06 -37.72
N LEU A 194 22.02 4.41 -38.41
CA LEU A 194 20.75 4.60 -37.73
C LEU A 194 20.16 3.30 -37.20
N LEU A 195 20.41 2.17 -37.86
CA LEU A 195 19.87 0.91 -37.36
C LEU A 195 20.53 0.49 -36.05
N ARG A 196 21.74 0.97 -35.79
CA ARG A 196 22.44 0.69 -34.54
C ARG A 196 22.21 1.77 -33.49
N PHE A 197 21.39 2.77 -33.79
CA PHE A 197 21.09 3.82 -32.82
C PHE A 197 20.03 3.30 -31.85
N PRO A 198 20.33 3.20 -30.56
CA PRO A 198 19.38 2.62 -29.61
C PRO A 198 18.44 3.66 -29.02
N ILE A 199 17.32 3.16 -28.49
CA ILE A 199 16.40 4.02 -27.76
C ILE A 199 16.97 4.40 -26.40
N GLY A 200 17.82 3.55 -25.81
CA GLY A 200 18.44 3.87 -24.55
C GLY A 200 19.38 5.06 -24.58
N CYS A 201 19.65 5.62 -25.77
CA CYS A 201 20.42 6.84 -25.86
C CYS A 201 19.69 8.03 -25.26
N PHE A 202 18.38 7.94 -25.09
CA PHE A 202 17.63 8.97 -24.39
C PHE A 202 17.94 9.01 -22.90
N GLY A 203 18.58 7.97 -22.36
CA GLY A 203 19.05 8.05 -20.99
C GLY A 203 20.15 9.07 -20.81
N VAL A 204 20.98 9.26 -21.83
CA VAL A 204 22.01 10.29 -21.79
C VAL A 204 21.40 11.66 -21.57
N CYS A 205 20.24 11.91 -22.18
CA CYS A 205 19.54 13.16 -21.96
C CYS A 205 18.70 13.17 -20.69
N LEU A 206 18.15 12.02 -20.30
CA LEU A 206 17.40 11.96 -19.05
C LEU A 206 18.28 12.31 -17.87
N GLY A 207 19.40 11.61 -17.70
CA GLY A 207 20.33 11.84 -16.62
C GLY A 207 21.13 13.12 -16.74
N LEU A 208 20.98 13.87 -17.82
CA LEU A 208 21.64 15.15 -17.98
C LEU A 208 20.70 16.34 -17.84
N GLY A 209 19.42 16.17 -18.20
CA GLY A 209 18.41 17.14 -17.87
C GLY A 209 17.91 17.05 -16.46
N SER A 210 18.07 15.89 -15.82
CA SER A 210 17.82 15.80 -14.40
C SER A 210 18.92 16.44 -13.56
N GLN A 211 20.02 16.84 -14.20
CA GLN A 211 21.07 17.58 -13.52
C GLN A 211 20.82 19.09 -13.50
N ALA A 212 20.20 19.62 -14.55
CA ALA A 212 19.78 21.01 -14.54
C ALA A 212 18.84 21.27 -13.37
N ILE A 213 17.92 20.35 -13.10
CA ILE A 213 17.00 20.50 -12.00
C ILE A 213 17.73 20.49 -10.67
N LEU A 214 18.68 19.58 -10.49
CA LEU A 214 19.44 19.52 -9.26
C LEU A 214 20.27 20.77 -9.03
N TRP A 215 20.90 21.31 -10.08
CA TRP A 215 21.66 22.54 -9.91
C TRP A 215 20.76 23.75 -9.67
N GLY A 216 19.60 23.82 -10.30
CA GLY A 216 18.64 24.85 -9.95
C GLY A 216 18.18 24.77 -8.52
N ALA A 217 17.95 23.56 -8.01
CA ALA A 217 17.60 23.39 -6.61
C ALA A 217 18.73 23.84 -5.70
N LEU A 218 19.97 23.42 -6.00
CA LEU A 218 21.11 23.83 -5.20
C LEU A 218 21.34 25.33 -5.24
N ALA A 219 20.91 26.01 -6.31
CA ALA A 219 21.04 27.45 -6.40
C ALA A 219 19.88 28.20 -5.77
N ALA A 220 18.71 27.56 -5.62
CA ALA A 220 17.54 28.23 -5.09
C ALA A 220 17.08 27.74 -3.72
N SER A 221 17.64 26.65 -3.22
CA SER A 221 17.18 26.11 -1.95
C SER A 221 17.72 26.94 -0.79
N PRO A 222 16.88 27.39 0.13
CA PRO A 222 17.40 28.16 1.27
C PRO A 222 17.90 27.26 2.40
N ALA A 223 18.61 26.21 2.05
CA ALA A 223 19.36 25.39 3.00
C ALA A 223 20.78 25.16 2.52
N MET A 224 20.98 24.95 1.23
CA MET A 224 22.31 24.92 0.63
C MET A 224 22.74 26.32 0.20
N ARG A 225 22.57 27.29 1.09
CA ARG A 225 23.05 28.64 0.82
C ARG A 225 24.46 28.88 1.32
N PHE A 226 25.02 27.97 2.12
CA PHE A 226 26.45 28.06 2.38
C PHE A 226 27.24 27.80 1.10
N LEU A 227 26.71 26.99 0.19
CA LEU A 227 27.34 26.79 -1.11
C LEU A 227 27.23 28.06 -1.95
N ARG A 228 28.37 28.62 -2.33
CA ARG A 228 28.39 29.81 -3.18
C ARG A 228 28.21 29.41 -4.64
N VAL A 229 27.14 28.66 -4.89
CA VAL A 229 26.83 28.14 -6.22
C VAL A 229 26.12 29.24 -7.01
N THR A 230 26.34 29.26 -8.31
CA THR A 230 25.81 30.26 -9.20
C THR A 230 24.60 29.72 -9.95
N PRO A 231 23.61 30.57 -10.25
CA PRO A 231 22.52 30.14 -11.15
C PRO A 231 22.94 30.00 -12.60
N MET A 232 24.20 30.26 -12.94
CA MET A 232 24.67 30.08 -14.30
C MET A 232 24.99 28.62 -14.61
N ILE A 233 25.37 27.83 -13.60
CA ILE A 233 25.62 26.41 -13.82
C ILE A 233 24.36 25.68 -14.24
N ASN A 234 23.22 26.00 -13.63
CA ASN A 234 21.95 25.42 -14.05
C ASN A 234 21.63 25.79 -15.49
N LEU A 235 21.85 27.03 -15.88
CA LEU A 235 21.57 27.44 -17.26
C LEU A 235 22.46 26.72 -18.25
N ALA A 236 23.76 26.58 -17.93
CA ALA A 236 24.66 25.87 -18.83
C ALA A 236 24.27 24.40 -18.96
N VAL A 237 24.00 23.73 -17.84
CA VAL A 237 23.63 22.33 -17.90
C VAL A 237 22.30 22.16 -18.61
N TRP A 238 21.36 23.10 -18.45
CA TRP A 238 20.08 22.98 -19.11
C TRP A 238 20.22 23.18 -20.61
N LEU A 239 21.05 24.14 -21.04
CA LEU A 239 21.27 24.31 -22.46
C LEU A 239 21.92 23.07 -23.07
N LEU A 240 22.89 22.48 -22.37
CA LEU A 240 23.49 21.25 -22.85
C LEU A 240 22.46 20.13 -22.96
N ALA A 241 21.60 20.00 -21.95
CA ALA A 241 20.57 18.96 -21.97
C ALA A 241 19.57 19.16 -23.08
N ALA A 242 19.15 20.41 -23.33
CA ALA A 242 18.21 20.67 -24.42
C ALA A 242 18.84 20.41 -25.78
N ALA A 243 20.10 20.79 -25.97
CA ALA A 243 20.78 20.48 -27.22
C ALA A 243 20.89 18.98 -27.43
N VAL A 244 21.28 18.23 -26.39
CA VAL A 244 21.35 16.79 -26.51
C VAL A 244 19.99 16.18 -26.81
N LEU A 245 18.93 16.70 -26.18
CA LEU A 245 17.60 16.17 -26.43
C LEU A 245 17.17 16.40 -27.86
N ALA A 246 17.35 17.63 -28.37
CA ALA A 246 17.03 17.90 -29.76
C ALA A 246 17.82 16.99 -30.70
N ALA A 247 19.11 16.79 -30.41
CA ALA A 247 19.94 15.93 -31.25
C ALA A 247 19.41 14.50 -31.28
N THR A 248 19.29 13.86 -30.12
CA THR A 248 18.87 12.46 -30.11
C THR A 248 17.38 12.30 -30.35
N SER A 249 16.63 13.39 -30.47
CA SER A 249 15.25 13.29 -30.87
C SER A 249 15.10 13.39 -32.39
N VAL A 250 15.83 14.29 -33.03
CA VAL A 250 15.81 14.34 -34.49
C VAL A 250 16.45 13.09 -35.07
N THR A 251 17.53 12.61 -34.45
CA THR A 251 18.17 11.38 -34.93
C THR A 251 17.22 10.20 -34.84
N TYR A 252 16.44 10.12 -33.77
CA TYR A 252 15.50 9.02 -33.61
C TYR A 252 14.27 9.17 -34.48
N ALA A 253 13.83 10.40 -34.73
CA ALA A 253 12.74 10.61 -35.69
C ALA A 253 13.15 10.15 -37.09
N LEU A 254 14.39 10.44 -37.49
CA LEU A 254 14.88 9.92 -38.76
C LEU A 254 14.90 8.41 -38.80
N LYS A 255 15.36 7.75 -37.74
CA LYS A 255 15.36 6.28 -37.70
C LYS A 255 13.95 5.72 -37.74
N CYS A 256 13.01 6.35 -37.04
CA CYS A 256 11.64 5.85 -37.01
C CYS A 256 10.94 6.04 -38.35
N VAL A 257 11.23 7.15 -39.04
CA VAL A 257 10.57 7.39 -40.33
C VAL A 257 11.28 6.71 -41.49
N PHE A 258 12.51 6.26 -41.30
CA PHE A 258 13.22 5.58 -42.38
C PHE A 258 13.16 4.06 -42.27
N TYR A 259 13.46 3.51 -41.09
CA TYR A 259 13.44 2.07 -40.85
C TYR A 259 12.41 1.79 -39.76
N PHE A 260 11.16 1.60 -40.17
CA PHE A 260 10.09 1.35 -39.20
C PHE A 260 10.07 -0.08 -38.69
N GLU A 261 10.74 -1.01 -39.38
CA GLU A 261 10.81 -2.37 -38.85
C GLU A 261 11.78 -2.48 -37.69
N ALA A 262 12.59 -1.45 -37.44
CA ALA A 262 13.57 -1.52 -36.36
C ALA A 262 12.99 -1.13 -35.01
N ILE A 263 12.23 -0.05 -34.92
CA ILE A 263 11.63 0.27 -33.63
C ILE A 263 10.46 -0.66 -33.33
N ARG A 264 9.98 -1.42 -34.32
CA ARG A 264 9.04 -2.48 -33.99
C ARG A 264 9.73 -3.64 -33.29
N ARG A 265 10.93 -4.01 -33.73
CA ARG A 265 11.70 -5.01 -33.01
C ARG A 265 12.22 -4.48 -31.68
N GLU A 266 12.39 -3.16 -31.56
CA GLU A 266 12.84 -2.57 -30.31
C GLU A 266 11.69 -2.32 -29.35
N PHE A 267 10.45 -2.25 -29.85
CA PHE A 267 9.31 -1.98 -28.99
C PHE A 267 8.71 -3.24 -28.41
N PHE A 268 8.92 -4.39 -29.06
CA PHE A 268 8.35 -5.66 -28.62
C PHE A 268 9.34 -6.47 -27.80
N HIS A 269 10.21 -5.80 -27.09
CA HIS A 269 11.23 -6.31 -26.19
C HIS A 269 10.78 -6.13 -24.74
N PRO A 270 11.20 -7.01 -23.83
CA PRO A 270 10.81 -6.83 -22.42
C PRO A 270 11.57 -5.70 -21.74
N VAL A 271 12.79 -5.44 -22.19
CA VAL A 271 13.63 -4.43 -21.55
C VAL A 271 13.52 -3.08 -22.26
N ARG A 272 13.49 -3.09 -23.59
CA ARG A 272 13.55 -1.86 -24.38
C ARG A 272 12.19 -1.26 -24.69
N VAL A 273 11.11 -1.84 -24.15
CA VAL A 273 9.81 -1.19 -24.28
C VAL A 273 9.60 -0.14 -23.21
N ASN A 274 10.27 -0.26 -22.06
CA ASN A 274 10.18 0.72 -21.00
C ASN A 274 11.04 1.94 -21.25
N PHE A 275 11.96 1.88 -22.21
CA PHE A 275 12.76 3.04 -22.59
C PHE A 275 12.05 3.94 -23.57
N PHE A 276 10.80 3.63 -23.92
CA PHE A 276 10.00 4.51 -24.76
C PHE A 276 9.30 5.59 -23.93
N PHE A 277 9.49 5.59 -22.62
CA PHE A 277 8.96 6.64 -21.76
C PHE A 277 9.98 7.75 -21.55
N THR A 278 11.26 7.47 -21.72
CA THR A 278 12.32 8.45 -21.53
C THR A 278 12.30 9.59 -22.54
N PRO A 279 11.88 9.39 -23.80
CA PRO A 279 11.76 10.56 -24.70
C PRO A 279 10.77 11.58 -24.24
N SER A 280 9.89 11.25 -23.28
CA SER A 280 8.97 12.23 -22.71
C SER A 280 9.34 12.65 -21.30
N ILE A 281 9.92 11.73 -20.51
CA ILE A 281 10.42 12.12 -19.19
C ILE A 281 11.58 13.10 -19.33
N ALA A 282 12.41 12.92 -20.36
CA ALA A 282 13.50 13.87 -20.59
C ALA A 282 13.00 15.24 -21.01
N ALA A 283 11.81 15.32 -21.61
CA ALA A 283 11.23 16.62 -21.93
C ALA A 283 10.54 17.25 -20.73
N MET A 284 9.87 16.43 -19.92
CA MET A 284 9.33 16.93 -18.65
C MET A 284 10.41 17.41 -17.71
N PHE A 285 11.61 16.83 -17.77
CA PHE A 285 12.72 17.28 -16.97
C PHE A 285 13.36 18.55 -17.51
N LEU A 286 13.14 18.88 -18.78
CA LEU A 286 13.52 20.19 -19.28
C LEU A 286 12.49 21.24 -18.90
N ALA A 287 11.20 20.85 -18.92
CA ALA A 287 10.16 21.80 -18.54
C ALA A 287 10.24 22.15 -17.06
N ILE A 288 10.47 21.15 -16.20
CA ILE A 288 10.52 21.41 -14.77
C ILE A 288 11.72 22.26 -14.40
N GLY A 289 12.85 22.06 -15.04
CA GLY A 289 14.07 22.76 -14.66
C GLY A 289 14.46 23.89 -15.57
N LEU A 290 13.47 24.65 -16.05
CA LEU A 290 13.73 25.80 -16.90
C LEU A 290 14.52 26.84 -16.11
N PRO A 291 15.63 27.35 -16.64
CA PRO A 291 16.43 28.30 -15.87
C PRO A 291 15.65 29.57 -15.57
N ARG A 292 15.92 30.14 -14.40
CA ARG A 292 15.23 31.37 -14.01
C ARG A 292 15.58 32.53 -14.94
N ALA A 293 16.83 32.58 -15.40
CA ALA A 293 17.24 33.65 -16.31
C ALA A 293 16.59 33.54 -17.68
N LEU A 294 16.14 32.34 -18.07
CA LEU A 294 15.57 32.13 -19.38
C LEU A 294 14.05 32.17 -19.39
N ALA A 295 13.42 31.95 -18.24
CA ALA A 295 11.97 32.03 -18.17
C ALA A 295 11.52 33.48 -18.35
N PRO A 296 10.40 33.72 -19.04
CA PRO A 296 9.95 35.10 -19.26
C PRO A 296 9.56 35.77 -17.94
N ALA A 297 10.17 36.92 -17.68
CA ALA A 297 9.89 37.67 -16.47
C ALA A 297 8.59 38.44 -16.63
N ASP A 298 7.76 38.42 -15.57
CA ASP A 298 6.47 39.10 -15.57
C ASP A 298 5.58 38.61 -16.72
N GLY A 299 5.59 37.29 -16.92
CA GLY A 299 4.80 36.69 -17.97
C GLY A 299 4.03 35.46 -17.49
N ARG A 300 3.62 34.61 -18.43
CA ARG A 300 2.90 33.40 -18.06
C ARG A 300 3.82 32.45 -17.30
N ALA A 301 3.28 31.87 -16.22
CA ALA A 301 4.05 30.95 -15.37
C ALA A 301 3.88 29.53 -15.90
N MET A 302 4.66 29.22 -16.93
CA MET A 302 4.68 27.88 -17.54
C MET A 302 3.30 27.48 -18.02
N HIS A 303 2.79 28.16 -19.04
CA HIS A 303 1.48 27.90 -19.62
C HIS A 303 1.24 26.40 -19.74
N PRO A 304 0.08 25.89 -19.30
CA PRO A 304 -0.10 24.44 -19.14
C PRO A 304 -0.06 23.64 -20.43
N ALA A 305 0.08 24.31 -21.58
CA ALA A 305 0.21 23.56 -22.83
C ALA A 305 1.46 22.70 -22.86
N VAL A 306 2.54 23.13 -22.20
CA VAL A 306 3.75 22.32 -22.13
C VAL A 306 3.54 21.07 -21.28
N TRP A 307 2.55 21.07 -20.39
CA TRP A 307 2.26 19.85 -19.65
C TRP A 307 1.50 18.85 -20.49
N CYS A 308 0.44 19.30 -21.18
CA CYS A 308 -0.32 18.40 -22.03
C CYS A 308 0.52 17.87 -23.18
N ALA A 309 1.16 18.75 -23.95
CA ALA A 309 1.92 18.34 -25.13
C ALA A 309 3.05 17.39 -24.79
N SER A 310 3.48 17.33 -23.53
CA SER A 310 4.57 16.46 -23.13
C SER A 310 4.13 15.24 -22.32
N VAL A 311 2.96 15.27 -21.70
CA VAL A 311 2.53 14.12 -20.91
C VAL A 311 1.51 13.28 -21.67
N ALA A 312 0.87 13.82 -22.72
CA ALA A 312 -0.07 13.02 -23.50
C ALA A 312 0.61 11.84 -24.19
N PRO A 313 1.75 12.02 -24.86
CA PRO A 313 2.40 10.84 -25.45
C PRO A 313 2.88 9.84 -24.42
N LEU A 314 3.16 10.29 -23.20
CA LEU A 314 3.47 9.33 -22.13
C LEU A 314 2.21 8.68 -21.60
N PHE A 315 1.13 9.45 -21.45
CA PHE A 315 -0.09 8.89 -20.88
C PHE A 315 -0.73 7.86 -21.81
N ALA A 316 -0.66 8.06 -23.12
CA ALA A 316 -1.21 7.06 -24.03
C ALA A 316 -0.42 5.76 -23.99
N LEU A 317 0.91 5.86 -24.08
CA LEU A 317 1.74 4.67 -23.99
C LEU A 317 1.55 3.96 -22.66
N GLU A 318 1.34 4.72 -21.58
CA GLU A 318 1.10 4.11 -20.29
C GLU A 318 -0.26 3.45 -20.21
N LEU A 319 -1.28 4.06 -20.82
CA LEU A 319 -2.59 3.44 -20.92
C LEU A 319 -2.54 2.12 -21.68
N LYS A 320 -1.65 2.03 -22.66
CA LYS A 320 -1.48 0.77 -23.38
C LYS A 320 -0.70 -0.26 -22.58
N ILE A 321 0.41 0.13 -21.96
CA ILE A 321 1.24 -0.83 -21.24
C ILE A 321 0.51 -1.35 -20.00
N TYR A 322 -0.12 -0.46 -19.23
CA TYR A 322 -0.82 -0.90 -18.04
C TYR A 322 -2.02 -1.76 -18.37
N GLY A 323 -2.63 -1.54 -19.54
CA GLY A 323 -3.68 -2.42 -20.00
C GLY A 323 -3.17 -3.78 -20.43
N GLN A 324 -1.99 -3.82 -21.05
CA GLN A 324 -1.36 -5.09 -21.38
C GLN A 324 -0.92 -5.87 -20.15
N TRP A 325 -0.62 -5.18 -19.04
CA TRP A 325 -0.14 -5.87 -17.85
C TRP A 325 -1.22 -6.80 -17.32
N LEU A 326 -2.50 -6.46 -17.51
CA LEU A 326 -3.61 -7.36 -17.21
C LEU A 326 -4.00 -8.29 -18.36
N SER A 327 -4.51 -7.72 -19.45
CA SER A 327 -5.05 -8.48 -20.57
C SER A 327 -4.04 -9.04 -21.57
N GLY A 328 -2.75 -8.97 -21.27
CA GLY A 328 -1.76 -9.52 -22.18
C GLY A 328 -1.60 -11.02 -21.99
N GLY A 329 -1.36 -11.71 -23.10
CA GLY A 329 -1.11 -13.13 -23.05
C GLY A 329 0.34 -13.45 -22.80
N LYS A 330 1.22 -12.93 -23.65
CA LYS A 330 2.66 -13.20 -23.54
C LYS A 330 3.43 -12.04 -22.93
N ARG A 331 2.86 -10.85 -22.90
CA ARG A 331 3.52 -9.66 -22.34
C ARG A 331 2.87 -9.23 -21.03
N ARG A 332 2.40 -10.21 -20.24
CA ARG A 332 1.88 -9.92 -18.93
C ARG A 332 3.01 -9.52 -17.98
N LEU A 333 2.65 -8.89 -16.87
CA LEU A 333 3.66 -8.39 -15.95
C LEU A 333 4.46 -9.52 -15.31
N CYS A 334 3.82 -10.64 -14.98
CA CYS A 334 4.51 -11.72 -14.30
C CYS A 334 5.62 -12.33 -15.14
N LYS A 335 5.64 -12.07 -16.45
CA LYS A 335 6.67 -12.60 -17.33
C LYS A 335 7.58 -11.53 -17.90
N VAL A 336 7.37 -10.26 -17.53
CA VAL A 336 8.12 -9.16 -18.13
C VAL A 336 8.80 -8.35 -17.02
N ALA A 337 8.26 -8.45 -15.80
CA ALA A 337 8.73 -7.65 -14.67
C ALA A 337 10.23 -7.74 -14.47
N ASN A 338 10.91 -6.61 -14.65
CA ASN A 338 12.36 -6.49 -14.49
C ASN A 338 12.64 -5.17 -13.80
N PRO A 339 13.85 -4.95 -13.26
CA PRO A 339 14.12 -3.66 -12.57
C PRO A 339 13.95 -2.44 -13.47
N SER A 340 14.02 -2.59 -14.78
CA SER A 340 13.80 -1.48 -15.69
C SER A 340 12.32 -1.21 -15.94
N SER A 341 11.42 -1.92 -15.25
CA SER A 341 10.00 -1.67 -15.37
C SER A 341 9.55 -0.47 -14.55
N HIS A 342 10.40 0.06 -13.67
CA HIS A 342 10.12 1.28 -12.94
C HIS A 342 10.10 2.51 -13.83
N LEU A 343 10.55 2.39 -15.08
CA LEU A 343 10.56 3.52 -15.99
C LEU A 343 9.17 3.84 -16.52
N SER A 344 8.21 2.94 -16.34
CA SER A 344 6.83 3.23 -16.71
C SER A 344 6.15 4.02 -15.60
N VAL A 345 6.62 3.86 -14.36
CA VAL A 345 5.96 4.50 -13.23
C VAL A 345 6.51 5.90 -12.98
N VAL A 346 7.82 6.08 -13.16
CA VAL A 346 8.45 7.38 -12.88
C VAL A 346 7.79 8.49 -13.67
N GLY A 347 7.35 8.17 -14.89
CA GLY A 347 6.68 9.17 -15.71
C GLY A 347 5.51 9.82 -15.01
N ASN A 348 4.76 9.06 -14.21
CA ASN A 348 3.62 9.62 -13.51
C ASN A 348 4.03 10.66 -12.49
N PHE A 349 5.07 10.37 -11.70
CA PHE A 349 5.49 11.31 -10.69
C PHE A 349 6.17 12.54 -11.29
N VAL A 350 6.93 12.37 -12.37
CA VAL A 350 7.50 13.54 -13.03
C VAL A 350 6.41 14.39 -13.67
N GLY A 351 5.38 13.75 -14.25
CA GLY A 351 4.24 14.49 -14.72
C GLY A 351 3.48 15.19 -13.63
N ALA A 352 3.42 14.61 -12.43
CA ALA A 352 2.79 15.30 -11.32
C ALA A 352 3.57 16.53 -10.91
N ILE A 353 4.91 16.43 -10.89
CA ILE A 353 5.71 17.62 -10.60
C ILE A 353 5.45 18.71 -11.64
N LEU A 354 5.45 18.33 -12.92
CA LEU A 354 5.22 19.32 -13.96
C LEU A 354 3.82 19.92 -13.86
N ALA A 355 2.83 19.10 -13.53
CA ALA A 355 1.47 19.59 -13.39
C ALA A 355 1.34 20.55 -12.22
N ALA A 356 2.08 20.28 -11.14
CA ALA A 356 2.12 21.23 -10.03
C ALA A 356 2.78 22.53 -10.44
N ARG A 357 3.83 22.45 -11.26
N ARG A 357 3.80 22.46 -11.30
CA ARG A 357 4.49 23.66 -11.75
CA ARG A 357 4.48 23.69 -11.71
C ARG A 357 3.56 24.50 -12.60
C ARG A 357 3.61 24.52 -12.65
N VAL A 358 2.84 23.87 -13.54
CA VAL A 358 2.01 24.63 -14.46
C VAL A 358 0.78 25.19 -13.77
N GLY A 359 0.41 24.64 -12.62
CA GLY A 359 -0.72 25.11 -11.84
C GLY A 359 -1.85 24.12 -11.73
N TRP A 360 -1.93 23.16 -12.64
CA TRP A 360 -2.99 22.15 -12.61
C TRP A 360 -2.71 21.12 -11.52
N VAL A 361 -3.03 21.46 -10.27
CA VAL A 361 -2.72 20.57 -9.16
C VAL A 361 -3.52 19.29 -9.21
N GLU A 362 -4.76 19.33 -9.70
CA GLU A 362 -5.59 18.13 -9.70
C GLU A 362 -5.13 17.10 -10.72
N ALA A 363 -4.64 17.53 -11.88
CA ALA A 363 -3.97 16.59 -12.78
C ALA A 363 -2.74 15.99 -12.14
N GLY A 364 -2.02 16.77 -11.33
CA GLY A 364 -0.91 16.22 -10.58
C GLY A 364 -1.35 15.15 -9.60
N LYS A 365 -2.46 15.37 -8.89
CA LYS A 365 -2.97 14.35 -7.99
C LYS A 365 -3.44 13.11 -8.73
N PHE A 366 -4.03 13.28 -9.91
CA PHE A 366 -4.43 12.14 -10.72
C PHE A 366 -3.23 11.30 -11.13
N LEU A 367 -2.19 11.96 -11.65
CA LEU A 367 -0.99 11.24 -12.05
C LEU A 367 -0.30 10.60 -10.86
N TRP A 368 -0.26 11.27 -9.71
CA TRP A 368 0.34 10.67 -8.53
C TRP A 368 -0.43 9.44 -8.06
N ALA A 369 -1.76 9.49 -8.11
CA ALA A 369 -2.55 8.34 -7.72
C ALA A 369 -2.31 7.15 -8.64
N ILE A 370 -2.43 7.35 -9.96
CA ILE A 370 -2.18 6.25 -10.89
C ILE A 370 -0.71 5.86 -10.94
N GLY A 371 0.17 6.66 -10.35
CA GLY A 371 1.56 6.27 -10.27
C GLY A 371 1.84 5.41 -9.07
N VAL A 372 1.30 5.77 -7.90
CA VAL A 372 1.53 4.96 -6.71
C VAL A 372 0.78 3.63 -6.81
N ALA A 373 -0.40 3.64 -7.45
CA ALA A 373 -1.18 2.41 -7.56
C ALA A 373 -0.41 1.34 -8.33
N HIS A 374 0.41 1.75 -9.30
CA HIS A 374 1.19 0.80 -10.08
C HIS A 374 2.60 0.66 -9.56
N TYR A 375 3.12 1.63 -8.82
CA TYR A 375 4.38 1.43 -8.13
C TYR A 375 4.26 0.34 -7.09
N ILE A 376 3.14 0.27 -6.38
CA ILE A 376 2.95 -0.81 -5.43
C ILE A 376 2.99 -2.16 -6.15
N VAL A 377 2.32 -2.25 -7.30
CA VAL A 377 2.30 -3.50 -8.05
C VAL A 377 3.70 -3.88 -8.51
N VAL A 378 4.44 -2.95 -9.11
CA VAL A 378 5.77 -3.27 -9.60
C VAL A 378 6.70 -3.63 -8.45
N PHE A 379 6.61 -2.90 -7.34
CA PHE A 379 7.45 -3.16 -6.18
C PHE A 379 7.22 -4.55 -5.64
N VAL A 380 5.94 -4.98 -5.54
CA VAL A 380 5.68 -6.29 -4.99
C VAL A 380 6.01 -7.38 -6.01
N THR A 381 5.81 -7.14 -7.30
CA THR A 381 6.07 -8.15 -8.30
C THR A 381 7.55 -8.30 -8.64
N LEU A 382 8.39 -7.35 -8.25
CA LEU A 382 9.82 -7.49 -8.44
C LEU A 382 10.50 -8.20 -7.30
N TYR A 383 9.79 -8.47 -6.20
CA TYR A 383 10.35 -9.17 -5.06
C TYR A 383 10.09 -10.67 -5.10
N GLN A 384 9.44 -11.17 -6.16
CA GLN A 384 9.16 -12.59 -6.29
C GLN A 384 9.89 -13.19 -7.49
N ARG A 385 9.70 -12.62 -8.68
CA ARG A 385 10.32 -13.11 -9.91
C ARG A 385 10.05 -14.60 -10.15
N GLU A 395 22.27 -9.86 -11.36
CA GLU A 395 22.60 -8.53 -10.86
C GLU A 395 23.30 -7.70 -11.93
N LEU A 396 22.56 -6.75 -12.50
CA LEU A 396 23.11 -5.81 -13.47
C LEU A 396 23.52 -4.54 -12.72
N HIS A 397 24.58 -3.91 -13.19
CA HIS A 397 25.08 -2.75 -12.44
C HIS A 397 24.24 -1.50 -12.65
N PRO A 398 24.12 -0.96 -13.89
CA PRO A 398 23.50 0.36 -14.03
C PRO A 398 21.99 0.38 -13.91
N VAL A 399 21.30 -0.57 -14.56
CA VAL A 399 19.84 -0.48 -14.69
C VAL A 399 19.12 -1.10 -13.50
N TYR A 400 19.81 -1.86 -12.66
CA TYR A 400 19.20 -2.41 -11.46
C TYR A 400 18.89 -1.33 -10.43
N SER A 401 19.40 -0.11 -10.63
CA SER A 401 19.27 0.97 -9.67
C SER A 401 18.03 1.83 -9.89
N MET A 402 17.11 1.40 -10.75
CA MET A 402 15.86 2.11 -10.92
C MET A 402 14.93 1.95 -9.73
N PHE A 403 15.32 1.17 -8.72
CA PHE A 403 14.54 1.05 -7.50
C PHE A 403 14.55 2.36 -6.71
N ILE A 404 15.53 3.22 -6.97
CA ILE A 404 15.66 4.47 -6.23
C ILE A 404 14.98 5.64 -6.91
N ALA A 405 14.81 5.60 -8.22
CA ALA A 405 14.23 6.71 -8.96
C ALA A 405 12.73 6.82 -8.80
N THR A 406 12.04 5.72 -8.53
CA THR A 406 10.59 5.83 -8.42
C THR A 406 10.16 6.41 -7.07
N PRO A 407 10.69 5.94 -5.93
CA PRO A 407 10.24 6.53 -4.65
C PRO A 407 10.73 7.95 -4.43
N SER A 408 11.94 8.31 -4.88
CA SER A 408 12.36 9.69 -4.76
C SER A 408 11.46 10.60 -5.57
N ALA A 409 11.07 10.16 -6.77
CA ALA A 409 10.13 10.93 -7.57
C ALA A 409 8.74 10.98 -6.95
N ALA A 410 8.31 9.91 -6.29
CA ALA A 410 7.00 9.94 -5.63
C ALA A 410 7.03 10.85 -4.40
N SER A 411 8.20 11.01 -3.79
CA SER A 411 8.34 11.96 -2.70
C SER A 411 8.39 13.39 -3.20
N LEU A 412 9.04 13.62 -4.34
CA LEU A 412 9.08 14.96 -4.92
C LEU A 412 7.73 15.40 -5.44
N ALA A 413 6.98 14.50 -6.09
CA ALA A 413 5.66 14.85 -6.60
C ALA A 413 4.67 15.19 -5.50
N TRP A 414 4.70 14.45 -4.38
CA TRP A 414 3.79 14.76 -3.29
C TRP A 414 4.16 16.07 -2.61
N ALA A 415 5.44 16.41 -2.57
CA ALA A 415 5.86 17.70 -2.03
C ALA A 415 5.61 18.85 -3.00
N ALA A 416 5.47 18.57 -4.29
CA ALA A 416 5.13 19.63 -5.24
C ALA A 416 3.63 19.85 -5.27
N ILE A 417 2.83 18.79 -5.16
CA ILE A 417 1.38 18.93 -5.16
C ILE A 417 0.90 19.61 -3.89
N TYR A 418 1.15 18.99 -2.74
CA TYR A 418 0.87 19.58 -1.45
C TYR A 418 2.13 20.31 -0.98
N GLY A 419 1.94 21.51 -0.43
CA GLY A 419 3.04 22.46 -0.31
C GLY A 419 4.28 21.92 0.36
N SER A 420 4.12 21.12 1.41
CA SER A 420 5.25 20.76 2.26
C SER A 420 5.57 19.27 2.17
N PHE A 421 6.56 18.87 2.97
CA PHE A 421 7.12 17.52 2.97
C PHE A 421 6.44 16.74 4.09
N ASP A 422 5.15 16.43 3.88
CA ASP A 422 4.26 16.07 4.99
C ASP A 422 4.11 14.56 5.13
N ALA A 423 5.18 13.91 5.58
CA ALA A 423 5.16 12.56 6.13
C ALA A 423 4.86 11.47 5.11
N VAL A 424 4.29 11.85 3.96
CA VAL A 424 4.14 10.88 2.88
C VAL A 424 5.28 11.06 1.90
N ALA A 425 5.60 12.30 1.57
CA ALA A 425 6.90 12.59 0.98
C ALA A 425 8.01 12.00 1.84
N ARG A 426 7.87 12.07 3.16
CA ARG A 426 8.91 11.55 4.03
C ARG A 426 8.94 10.02 4.01
N THR A 427 7.78 9.37 4.05
CA THR A 427 7.76 7.92 3.93
C THR A 427 8.42 7.47 2.64
N PHE A 428 8.02 8.03 1.51
CA PHE A 428 8.58 7.61 0.23
C PHE A 428 10.06 7.96 0.12
N PHE A 429 10.46 9.12 0.64
CA PHE A 429 11.85 9.51 0.56
C PHE A 429 12.73 8.63 1.41
N PHE A 430 12.25 8.20 2.58
CA PHE A 430 13.04 7.32 3.42
C PHE A 430 13.10 5.93 2.84
N MET A 431 12.03 5.48 2.18
CA MET A 431 12.10 4.24 1.44
C MET A 431 13.15 4.31 0.32
N ALA A 432 13.17 5.41 -0.43
CA ALA A 432 14.19 5.62 -1.45
C ALA A 432 15.59 5.69 -0.87
N LEU A 433 15.76 6.35 0.27
CA LEU A 433 17.06 6.41 0.92
C LEU A 433 17.53 5.05 1.39
N PHE A 434 16.63 4.21 1.90
CA PHE A 434 17.03 2.86 2.26
C PHE A 434 17.39 2.04 1.04
N LEU A 435 16.64 2.19 -0.06
CA LEU A 435 16.99 1.46 -1.27
C LEU A 435 18.30 1.95 -1.87
N TYR A 436 18.64 3.22 -1.67
CA TYR A 436 19.93 3.74 -2.11
C TYR A 436 21.05 3.23 -1.22
N MET A 437 20.82 3.17 0.09
CA MET A 437 21.82 2.70 1.02
C MET A 437 22.08 1.21 0.84
N SER A 438 21.04 0.43 0.57
CA SER A 438 21.17 -0.99 0.35
C SER A 438 21.68 -1.30 -1.05
N LEU A 439 21.95 -0.28 -1.88
CA LEU A 439 22.54 -0.52 -3.23
C LEU A 439 24.03 -0.22 -3.26
N VAL A 440 24.46 0.86 -2.64
CA VAL A 440 25.92 1.11 -2.53
C VAL A 440 26.61 -0.07 -1.83
N VAL A 441 25.89 -0.86 -1.06
CA VAL A 441 26.52 -1.96 -0.27
C VAL A 441 26.80 -3.22 -1.10
N ARG A 442 25.82 -3.69 -1.86
CA ARG A 442 26.05 -4.83 -2.79
C ARG A 442 27.15 -4.40 -3.76
N ILE A 443 26.84 -3.49 -4.68
CA ILE A 443 27.86 -2.98 -5.63
C ILE A 443 28.58 -1.87 -4.89
N ASN A 444 29.78 -2.14 -4.38
CA ASN A 444 30.50 -1.14 -3.55
C ASN A 444 30.78 0.15 -4.34
N PHE A 445 30.69 0.11 -5.69
CA PHE A 445 30.96 1.23 -6.64
C PHE A 445 32.16 0.75 -7.45
N PHE A 446 32.57 -0.50 -7.22
CA PHE A 446 33.74 -1.05 -7.94
C PHE A 446 33.29 -2.20 -8.87
N ARG A 447 32.10 -2.06 -9.49
CA ARG A 447 31.60 -3.10 -10.42
C ARG A 447 32.66 -3.41 -11.48
N GLY A 448 33.39 -2.41 -11.98
CA GLY A 448 34.48 -2.67 -12.93
C GLY A 448 34.70 -1.50 -13.86
N PHE A 449 35.61 -1.64 -14.84
CA PHE A 449 35.76 -0.56 -15.82
C PHE A 449 34.60 -0.63 -16.80
N ARG A 450 33.48 -0.02 -16.41
CA ARG A 450 32.26 0.01 -17.22
C ARG A 450 31.73 1.42 -17.27
N PHE A 451 31.70 2.00 -18.46
CA PHE A 451 31.13 3.33 -18.69
C PHE A 451 30.41 3.29 -20.03
N SER A 452 29.09 3.21 -20.01
CA SER A 452 28.32 2.93 -21.22
C SER A 452 27.12 3.85 -21.27
N ILE A 453 26.32 3.70 -22.33
CA ILE A 453 25.07 4.43 -22.44
C ILE A 453 24.06 3.90 -21.44
N ALA A 454 24.11 2.59 -21.16
CA ALA A 454 23.30 2.04 -20.08
C ALA A 454 23.74 2.54 -18.72
N TRP A 455 25.03 2.85 -18.55
CA TRP A 455 25.52 3.46 -17.33
C TRP A 455 25.05 4.89 -17.16
N TRP A 456 24.54 5.52 -18.21
CA TRP A 456 23.95 6.84 -18.09
C TRP A 456 22.58 6.82 -17.44
N SER A 457 21.95 5.65 -17.34
CA SER A 457 20.72 5.51 -16.56
C SER A 457 21.06 4.95 -15.19
N TYR A 458 22.31 5.10 -14.80
CA TYR A 458 22.74 4.94 -13.42
C TYR A 458 22.80 6.28 -12.70
N THR A 459 22.68 7.40 -13.41
CA THR A 459 22.70 8.72 -12.81
C THR A 459 21.32 9.30 -12.58
N PHE A 460 20.33 8.90 -13.38
CA PHE A 460 18.97 9.41 -13.20
C PHE A 460 18.39 9.01 -11.84
N PRO A 461 18.53 7.76 -11.38
CA PRO A 461 18.03 7.46 -10.04
C PRO A 461 18.81 8.15 -8.94
N MET A 462 20.12 8.26 -9.08
CA MET A 462 20.92 8.92 -8.04
C MET A 462 20.64 10.41 -8.00
N THR A 463 20.30 11.01 -9.14
CA THR A 463 20.06 12.45 -9.15
C THR A 463 18.71 12.80 -8.53
N THR A 464 17.67 12.00 -8.80
CA THR A 464 16.39 12.24 -8.15
C THR A 464 16.48 11.95 -6.65
N ALA A 465 17.25 10.93 -6.27
CA ALA A 465 17.47 10.66 -4.86
C ALA A 465 18.33 11.71 -4.19
N SER A 466 19.12 12.46 -4.95
CA SER A 466 19.85 13.60 -4.42
C SER A 466 19.02 14.87 -4.42
N LEU A 467 17.98 14.94 -5.22
CA LEU A 467 17.06 16.06 -5.25
C LEU A 467 16.01 15.99 -4.15
N ALA A 468 15.44 14.80 -3.93
CA ALA A 468 14.54 14.60 -2.81
C ALA A 468 15.21 14.92 -1.48
N THR A 469 16.48 14.56 -1.32
CA THR A 469 17.15 14.87 -0.07
C THR A 469 17.52 16.35 0.06
N VAL A 470 17.65 17.07 -1.05
CA VAL A 470 17.79 18.52 -0.94
C VAL A 470 16.48 19.14 -0.46
N LYS A 471 15.36 18.70 -1.03
CA LYS A 471 14.07 19.16 -0.53
C LYS A 471 13.89 18.81 0.95
N TYR A 472 14.32 17.62 1.35
CA TYR A 472 14.23 17.23 2.76
C TYR A 472 15.13 18.08 3.65
N ALA A 473 16.36 18.36 3.21
CA ALA A 473 17.26 19.19 3.98
C ALA A 473 16.76 20.61 4.11
N GLU A 474 15.99 21.10 3.15
CA GLU A 474 15.33 22.39 3.32
C GLU A 474 14.02 22.28 4.09
N ALA A 475 13.51 21.06 4.29
CA ALA A 475 12.33 20.83 5.12
C ALA A 475 12.68 20.56 6.58
N VAL A 476 13.73 19.80 6.84
CA VAL A 476 14.19 19.51 8.19
C VAL A 476 15.63 20.01 8.30
N PRO A 477 15.85 21.23 8.77
CA PRO A 477 17.20 21.84 8.70
C PRO A 477 18.10 21.48 9.88
N CYS A 478 18.58 20.25 9.89
CA CYS A 478 19.60 19.83 10.83
C CYS A 478 20.98 19.99 10.21
N PHE A 479 22.00 19.46 10.87
CA PHE A 479 23.31 19.38 10.24
C PHE A 479 23.49 18.06 9.53
N LEU A 480 22.99 16.99 10.13
CA LEU A 480 23.15 15.65 9.54
C LEU A 480 22.35 15.58 8.24
N SER A 481 21.19 16.20 8.16
CA SER A 481 20.41 16.20 6.93
C SER A 481 21.04 17.07 5.85
N ARG A 482 21.58 18.23 6.22
CA ARG A 482 22.28 19.08 5.26
C ARG A 482 23.51 18.39 4.71
N ALA A 483 24.31 17.75 5.56
CA ALA A 483 25.45 16.98 5.10
C ALA A 483 25.06 15.81 4.22
N LEU A 484 23.94 15.15 4.52
CA LEU A 484 23.45 14.08 3.65
C LEU A 484 23.05 14.59 2.28
N ALA A 485 22.33 15.71 2.23
CA ALA A 485 21.96 16.29 0.94
C ALA A 485 23.21 16.70 0.19
N LEU A 486 24.21 17.28 0.87
CA LEU A 486 25.47 17.76 0.22
C LEU A 486 26.32 16.57 -0.21
N SER A 487 26.26 15.46 0.50
CA SER A 487 26.95 14.27 0.05
C SER A 487 26.33 13.61 -1.17
N LEU A 488 25.01 13.37 -1.13
CA LEU A 488 24.35 12.80 -2.30
C LEU A 488 24.44 13.69 -3.53
N SER A 489 24.37 15.00 -3.35
CA SER A 489 24.46 15.90 -4.49
C SER A 489 25.84 15.83 -5.14
N LEU A 490 26.90 15.94 -4.34
CA LEU A 490 28.25 15.89 -4.88
C LEU A 490 28.65 14.48 -5.31
N MET A 491 27.88 13.47 -4.93
CA MET A 491 28.11 12.12 -5.41
C MET A 491 27.42 11.84 -6.74
N SER A 492 26.25 12.41 -6.97
CA SER A 492 25.59 12.25 -8.26
C SER A 492 26.21 13.16 -9.31
N THR A 493 26.49 14.42 -8.95
CA THR A 493 27.10 15.36 -9.88
C THR A 493 28.47 14.90 -10.36
N THR A 494 29.32 14.36 -9.49
CA THR A 494 30.61 13.91 -9.94
C THR A 494 30.51 12.71 -10.88
N MET A 495 29.55 11.83 -10.65
CA MET A 495 29.35 10.70 -11.56
C MET A 495 28.86 11.15 -12.92
N VAL A 496 27.90 12.09 -12.96
CA VAL A 496 27.51 12.65 -14.25
C VAL A 496 28.68 13.34 -14.92
N SER A 497 29.53 14.05 -14.16
CA SER A 497 30.66 14.74 -14.76
C SER A 497 31.66 13.76 -15.36
N LEU A 498 32.03 12.70 -14.62
CA LEU A 498 32.95 11.72 -15.18
C LEU A 498 32.36 11.01 -16.39
N LEU A 499 31.08 10.63 -16.33
CA LEU A 499 30.45 10.06 -17.52
C LEU A 499 30.50 11.02 -18.70
N LEU A 500 30.35 12.32 -18.45
CA LEU A 500 30.38 13.29 -19.53
C LEU A 500 31.78 13.41 -20.14
N VAL A 501 32.81 13.49 -19.31
CA VAL A 501 34.14 13.74 -19.84
C VAL A 501 34.68 12.44 -20.43
N SER A 502 34.05 11.32 -20.08
CA SER A 502 34.34 10.06 -20.74
C SER A 502 33.66 9.93 -22.09
N THR A 503 32.37 10.28 -22.18
CA THR A 503 31.65 10.21 -23.44
C THR A 503 32.18 11.20 -24.48
N LEU A 504 32.45 12.42 -24.09
CA LEU A 504 32.92 13.41 -25.06
C LEU A 504 34.37 13.10 -25.35
N LEU A 505 34.91 12.01 -24.79
CA LEU A 505 36.30 11.58 -25.10
C LEU A 505 36.20 10.46 -26.14
N HIS A 506 35.41 9.43 -25.85
CA HIS A 506 35.20 8.31 -26.80
C HIS A 506 34.64 8.88 -28.10
N ALA A 507 33.78 9.89 -28.00
CA ALA A 507 33.13 10.44 -29.21
C ALA A 507 34.19 11.03 -30.13
N PHE A 508 35.19 11.69 -29.57
CA PHE A 508 36.21 12.36 -30.42
C PHE A 508 37.29 11.35 -30.82
N VAL A 509 37.66 10.43 -29.92
CA VAL A 509 38.77 9.54 -30.25
C VAL A 509 38.34 8.32 -31.06
N TRP A 510 37.09 8.39 -31.53
CA TRP A 510 36.59 7.33 -32.44
C TRP A 510 37.51 7.33 -33.67
N ARG A 511 37.33 8.31 -34.57
CA ARG A 511 38.24 8.43 -35.74
C ARG A 511 38.92 9.81 -35.76
N SER A 512 38.53 10.71 -34.86
CA SER A 512 39.08 12.10 -34.85
C SER A 512 39.23 12.64 -36.28
N TRP B 191 30.65 -29.13 26.52
CA TRP B 191 29.28 -29.36 27.00
C TRP B 191 28.34 -29.66 25.83
N PRO B 192 27.74 -30.86 25.84
CA PRO B 192 26.80 -31.20 24.77
C PRO B 192 25.45 -30.50 24.87
N PHE B 193 25.22 -29.73 25.94
CA PHE B 193 23.94 -29.03 26.08
C PHE B 193 23.87 -27.83 25.13
N LEU B 194 25.00 -27.18 24.88
CA LEU B 194 24.98 -25.95 24.08
C LEU B 194 24.60 -26.19 22.63
N LEU B 195 24.94 -27.34 22.06
CA LEU B 195 24.58 -27.60 20.67
C LEU B 195 23.08 -27.75 20.50
N ARG B 196 22.37 -28.12 21.56
CA ARG B 196 20.91 -28.24 21.53
C ARG B 196 20.21 -26.97 21.99
N PHE B 197 20.96 -25.92 22.31
CA PHE B 197 20.37 -24.65 22.71
C PHE B 197 19.91 -23.90 21.47
N PRO B 198 18.62 -23.63 21.31
CA PRO B 198 18.13 -23.00 20.09
C PRO B 198 18.14 -21.47 20.17
N ILE B 199 18.10 -20.86 18.99
CA ILE B 199 17.96 -19.41 18.92
C ILE B 199 16.55 -18.97 19.29
N GLY B 200 15.55 -19.82 19.05
CA GLY B 200 14.19 -19.51 19.43
C GLY B 200 13.96 -19.36 20.91
N CYS B 201 14.96 -19.67 21.74
CA CYS B 201 14.86 -19.43 23.18
C CYS B 201 14.79 -17.95 23.50
N PHE B 202 15.20 -17.08 22.58
CA PHE B 202 15.04 -15.64 22.75
C PHE B 202 13.58 -15.21 22.67
N GLY B 203 12.69 -16.07 22.17
CA GLY B 203 11.28 -15.76 22.25
C GLY B 203 10.75 -15.75 23.66
N VAL B 204 11.33 -16.58 24.53
CA VAL B 204 10.96 -16.57 25.94
C VAL B 204 11.20 -15.20 26.55
N CYS B 205 12.29 -14.54 26.15
CA CYS B 205 12.55 -13.19 26.62
C CYS B 205 11.80 -12.13 25.84
N LEU B 206 11.55 -12.34 24.56
CA LEU B 206 10.77 -11.38 23.79
C LEU B 206 9.37 -11.24 24.36
N GLY B 207 8.65 -12.35 24.49
CA GLY B 207 7.30 -12.37 25.03
C GLY B 207 7.21 -12.11 26.51
N LEU B 208 8.33 -11.98 27.21
CA LEU B 208 8.34 -11.65 28.63
C LEU B 208 8.78 -10.22 28.90
N GLY B 209 9.64 -9.65 28.05
CA GLY B 209 9.92 -8.22 28.11
C GLY B 209 8.86 -7.38 27.44
N SER B 210 8.09 -7.97 26.52
CA SER B 210 6.91 -7.28 26.01
C SER B 210 5.78 -7.25 27.01
N GLN B 211 5.89 -7.95 28.13
CA GLN B 211 4.92 -7.88 29.21
C GLN B 211 5.20 -6.75 30.18
N ALA B 212 6.48 -6.44 30.41
CA ALA B 212 6.82 -5.27 31.21
C ALA B 212 6.23 -4.01 30.58
N ILE B 213 6.29 -3.90 29.26
CA ILE B 213 5.73 -2.75 28.58
C ILE B 213 4.23 -2.68 28.75
N LEU B 214 3.54 -3.81 28.61
CA LEU B 214 2.09 -3.84 28.80
C LEU B 214 1.68 -3.48 30.22
N TRP B 215 2.40 -3.96 31.22
CA TRP B 215 2.07 -3.60 32.58
C TRP B 215 2.40 -2.15 32.89
N GLY B 216 3.49 -1.61 32.36
CA GLY B 216 3.73 -0.18 32.48
C GLY B 216 2.64 0.65 31.83
N ALA B 217 2.14 0.22 30.67
CA ALA B 217 1.03 0.92 30.04
C ALA B 217 -0.22 0.85 30.90
N LEU B 218 -0.54 -0.33 31.41
CA LEU B 218 -1.71 -0.48 32.27
C LEU B 218 -1.59 0.31 33.56
N ALA B 219 -0.38 0.59 34.01
CA ALA B 219 -0.17 1.39 35.21
C ALA B 219 -0.12 2.89 34.93
N ALA B 220 0.18 3.29 33.70
CA ALA B 220 0.31 4.70 33.37
C ALA B 220 -0.76 5.24 32.43
N SER B 221 -1.59 4.38 31.85
CA SER B 221 -2.58 4.86 30.90
C SER B 221 -3.75 5.51 31.63
N PRO B 222 -4.15 6.73 31.27
CA PRO B 222 -5.30 7.35 31.94
C PRO B 222 -6.62 6.92 31.34
N ALA B 223 -6.76 5.64 31.06
CA ALA B 223 -8.03 5.02 30.71
C ALA B 223 -8.27 3.76 31.51
N MET B 224 -7.23 2.97 31.74
CA MET B 224 -7.29 1.83 32.66
C MET B 224 -6.93 2.27 34.07
N ARG B 225 -7.52 3.37 34.52
CA ARG B 225 -7.32 3.81 35.90
C ARG B 225 -8.36 3.27 36.85
N PHE B 226 -9.43 2.65 36.36
CA PHE B 226 -10.28 1.87 37.25
C PHE B 226 -9.53 0.68 37.82
N LEU B 227 -8.58 0.13 37.05
CA LEU B 227 -7.73 -0.94 37.55
C LEU B 227 -6.79 -0.39 38.61
N ARG B 228 -6.87 -0.94 39.82
CA ARG B 228 -5.98 -0.53 40.90
C ARG B 228 -4.65 -1.27 40.79
N VAL B 229 -4.05 -1.16 39.61
CA VAL B 229 -2.80 -1.84 39.30
C VAL B 229 -1.64 -1.00 39.84
N THR B 230 -0.58 -1.67 40.25
CA THR B 230 0.57 -1.05 40.88
C THR B 230 1.70 -0.91 39.86
N PRO B 231 2.52 0.14 39.95
CA PRO B 231 3.73 0.20 39.12
C PRO B 231 4.83 -0.75 39.58
N MET B 232 4.60 -1.53 40.63
CA MET B 232 5.57 -2.53 41.06
C MET B 232 5.53 -3.79 40.21
N ILE B 233 4.36 -4.14 39.65
CA ILE B 233 4.28 -5.29 38.77
C ILE B 233 5.12 -5.11 37.53
N ASN B 234 5.12 -3.92 36.94
CA ASN B 234 5.98 -3.65 35.79
C ASN B 234 7.45 -3.79 36.16
N LEU B 235 7.85 -3.30 37.33
CA LEU B 235 9.24 -3.42 37.74
C LEU B 235 9.64 -4.87 37.95
N ALA B 236 8.77 -5.67 38.58
CA ALA B 236 9.09 -7.07 38.79
C ALA B 236 9.20 -7.82 37.45
N VAL B 237 8.23 -7.61 36.56
CA VAL B 237 8.27 -8.30 35.27
C VAL B 237 9.49 -7.84 34.46
N TRP B 238 9.86 -6.56 34.56
CA TRP B 238 11.01 -6.08 33.81
C TRP B 238 12.31 -6.65 34.35
N LEU B 239 12.43 -6.75 35.67
CA LEU B 239 13.62 -7.38 36.23
C LEU B 239 13.72 -8.83 35.82
N LEU B 240 12.60 -9.56 35.84
CA LEU B 240 12.61 -10.94 35.37
C LEU B 240 13.01 -11.03 33.91
N ALA B 241 12.49 -10.14 33.07
CA ALA B 241 12.82 -10.15 31.65
C ALA B 241 14.29 -9.83 31.41
N ALA B 242 14.84 -8.86 32.14
CA ALA B 242 16.26 -8.53 31.97
C ALA B 242 17.15 -9.67 32.44
N ALA B 243 16.81 -10.31 33.56
CA ALA B 243 17.60 -11.46 33.99
C ALA B 243 17.54 -12.59 32.97
N VAL B 244 16.36 -12.89 32.43
CA VAL B 244 16.25 -13.93 31.41
C VAL B 244 17.04 -13.55 30.16
N LEU B 245 17.02 -12.27 29.77
CA LEU B 245 17.76 -11.85 28.59
C LEU B 245 19.25 -12.01 28.80
N ALA B 246 19.77 -11.55 29.94
CA ALA B 246 21.19 -11.74 30.23
C ALA B 246 21.56 -13.21 30.23
N ALA B 247 20.70 -14.07 30.81
CA ALA B 247 20.97 -15.49 30.84
C ALA B 247 21.06 -16.08 29.44
N THR B 248 20.01 -15.94 28.64
CA THR B 248 20.00 -16.56 27.32
C THR B 248 20.86 -15.80 26.32
N SER B 249 21.43 -14.67 26.71
CA SER B 249 22.39 -13.99 25.85
C SER B 249 23.81 -14.46 26.14
N VAL B 250 24.16 -14.63 27.41
CA VAL B 250 25.48 -15.18 27.74
C VAL B 250 25.56 -16.63 27.30
N THR B 251 24.47 -17.39 27.48
CA THR B 251 24.47 -18.78 27.05
C THR B 251 24.67 -18.89 25.55
N TYR B 252 24.04 -18.00 24.78
CA TYR B 252 24.18 -18.03 23.33
C TYR B 252 25.52 -17.48 22.86
N ALA B 253 26.09 -16.51 23.57
CA ALA B 253 27.44 -16.07 23.25
C ALA B 253 28.44 -17.20 23.44
N LEU B 254 28.30 -17.98 24.50
CA LEU B 254 29.15 -19.16 24.68
C LEU B 254 28.99 -20.16 23.54
N LYS B 255 27.76 -20.45 23.12
CA LYS B 255 27.53 -21.36 22.01
C LYS B 255 28.13 -20.84 20.71
N CYS B 256 28.00 -19.54 20.46
CA CYS B 256 28.51 -18.95 19.22
C CYS B 256 30.03 -18.93 19.21
N VAL B 257 30.66 -18.68 20.36
CA VAL B 257 32.12 -18.64 20.41
C VAL B 257 32.76 -20.00 20.57
N PHE B 258 32.00 -21.02 20.94
CA PHE B 258 32.56 -22.36 21.08
C PHE B 258 32.28 -23.24 19.88
N TYR B 259 31.05 -23.30 19.41
CA TYR B 259 30.66 -24.12 18.26
C TYR B 259 30.11 -23.18 17.19
N PHE B 260 31.00 -22.66 16.35
CA PHE B 260 30.60 -21.73 15.31
C PHE B 260 29.97 -22.43 14.11
N GLU B 261 30.17 -23.74 13.95
CA GLU B 261 29.50 -24.44 12.87
C GLU B 261 28.02 -24.67 13.14
N ALA B 262 27.57 -24.42 14.37
CA ALA B 262 26.17 -24.66 14.70
C ALA B 262 25.27 -23.48 14.37
N ILE B 263 25.67 -22.25 14.70
CA ILE B 263 24.82 -21.12 14.31
C ILE B 263 24.95 -20.85 12.82
N ARG B 264 25.95 -21.44 12.15
CA ARG B 264 25.94 -21.37 10.69
C ARG B 264 24.87 -22.27 10.09
N ARG B 265 24.69 -23.47 10.65
CA ARG B 265 23.58 -24.32 10.23
C ARG B 265 22.24 -23.76 10.68
N GLU B 266 22.23 -22.98 11.76
CA GLU B 266 21.00 -22.38 12.24
C GLU B 266 20.67 -21.07 11.51
N PHE B 267 21.66 -20.44 10.90
CA PHE B 267 21.44 -19.16 10.23
C PHE B 267 21.03 -19.35 8.78
N PHE B 268 21.38 -20.48 8.17
CA PHE B 268 21.08 -20.75 6.76
C PHE B 268 19.82 -21.58 6.61
N HIS B 269 18.88 -21.43 7.51
CA HIS B 269 17.57 -22.04 7.57
C HIS B 269 16.51 -21.05 7.13
N PRO B 270 15.40 -21.50 6.55
CA PRO B 270 14.34 -20.55 6.16
C PRO B 270 13.54 -20.05 7.34
N VAL B 271 13.43 -20.85 8.39
CA VAL B 271 12.63 -20.48 9.55
C VAL B 271 13.47 -19.84 10.64
N ARG B 272 14.67 -20.37 10.89
CA ARG B 272 15.49 -19.96 12.02
C ARG B 272 16.44 -18.81 11.68
N VAL B 273 16.37 -18.26 10.47
CA VAL B 273 17.14 -17.06 10.17
C VAL B 273 16.40 -15.80 10.63
N ASN B 274 15.08 -15.85 10.72
CA ASN B 274 14.29 -14.72 11.19
C ASN B 274 14.29 -14.59 12.71
N PHE B 275 14.73 -15.62 13.42
CA PHE B 275 14.85 -15.56 14.87
C PHE B 275 16.15 -14.92 15.31
N PHE B 276 16.97 -14.46 14.37
CA PHE B 276 18.18 -13.71 14.72
C PHE B 276 17.89 -12.23 14.93
N PHE B 277 16.64 -11.81 14.77
CA PHE B 277 16.24 -10.45 15.07
C PHE B 277 15.74 -10.29 16.50
N THR B 278 15.28 -11.39 17.12
CA THR B 278 14.77 -11.37 18.48
C THR B 278 15.83 -11.03 19.53
N PRO B 279 17.10 -11.41 19.38
CA PRO B 279 18.09 -10.96 20.37
C PRO B 279 18.26 -9.46 20.44
N SER B 280 17.75 -8.72 19.45
CA SER B 280 17.77 -7.26 19.50
C SER B 280 16.40 -6.65 19.76
N ILE B 281 15.32 -7.28 19.27
CA ILE B 281 13.99 -6.81 19.60
C ILE B 281 13.72 -6.99 21.09
N ALA B 282 14.24 -8.06 21.69
CA ALA B 282 14.09 -8.26 23.12
C ALA B 282 14.86 -7.24 23.93
N ALA B 283 15.92 -6.66 23.38
CA ALA B 283 16.62 -5.58 24.07
C ALA B 283 15.93 -4.24 23.87
N MET B 284 15.41 -3.99 22.67
CA MET B 284 14.59 -2.81 22.46
C MET B 284 13.33 -2.82 23.31
N PHE B 285 12.78 -3.99 23.61
CA PHE B 285 11.63 -4.09 24.49
C PHE B 285 11.99 -3.90 25.96
N LEU B 286 13.25 -4.09 26.32
CA LEU B 286 13.70 -3.69 27.66
C LEU B 286 13.95 -2.19 27.73
N ALA B 287 14.48 -1.62 26.65
CA ALA B 287 14.73 -0.17 26.63
C ALA B 287 13.42 0.60 26.66
N ILE B 288 12.42 0.17 25.87
CA ILE B 288 11.16 0.89 25.80
C ILE B 288 10.41 0.82 27.11
N GLY B 289 10.46 -0.33 27.80
CA GLY B 289 9.66 -0.50 29.00
C GLY B 289 10.45 -0.40 30.29
N LEU B 290 11.40 0.54 30.35
CA LEU B 290 12.18 0.74 31.55
C LEU B 290 11.27 1.23 32.67
N PRO B 291 11.31 0.62 33.86
CA PRO B 291 10.39 1.02 34.92
C PRO B 291 10.63 2.47 35.33
N ARG B 292 9.54 3.15 35.70
CA ARG B 292 9.64 4.55 36.12
C ARG B 292 10.46 4.67 37.40
N ALA B 293 10.33 3.71 38.32
CA ALA B 293 11.09 3.76 39.56
C ALA B 293 12.57 3.55 39.34
N LEU B 294 12.97 2.91 38.24
CA LEU B 294 14.36 2.60 37.98
C LEU B 294 15.04 3.61 37.08
N ALA B 295 14.27 4.35 36.28
CA ALA B 295 14.86 5.37 35.43
C ALA B 295 15.40 6.52 36.29
N PRO B 296 16.53 7.11 35.92
CA PRO B 296 17.10 8.20 36.72
C PRO B 296 16.18 9.41 36.72
N ALA B 297 15.82 9.86 37.92
CA ALA B 297 14.96 11.04 38.06
C ALA B 297 15.77 12.31 37.87
N ASP B 298 15.20 13.26 37.14
CA ASP B 298 15.86 14.54 36.84
C ASP B 298 17.20 14.32 36.15
N GLY B 299 17.22 13.39 35.20
CA GLY B 299 18.43 13.09 34.46
C GLY B 299 18.18 12.99 32.97
N ARG B 300 19.10 12.33 32.26
CA ARG B 300 18.93 12.16 30.82
C ARG B 300 17.73 11.28 30.51
N ALA B 301 16.94 11.69 29.52
CA ALA B 301 15.74 10.96 29.14
C ALA B 301 16.10 9.93 28.05
N MET B 302 16.64 8.80 28.52
CA MET B 302 17.00 7.69 27.65
C MET B 302 17.99 8.12 26.57
N HIS B 303 19.20 8.47 26.99
CA HIS B 303 20.27 8.91 26.08
C HIS B 303 20.30 8.07 24.82
N PRO B 304 20.36 8.67 23.63
CA PRO B 304 20.11 7.92 22.39
C PRO B 304 21.14 6.85 22.07
N ALA B 305 22.19 6.71 22.89
CA ALA B 305 23.14 5.65 22.66
C ALA B 305 22.51 4.27 22.79
N VAL B 306 21.50 4.11 23.65
CA VAL B 306 20.80 2.84 23.78
C VAL B 306 20.00 2.53 22.54
N TRP B 307 19.64 3.53 21.73
CA TRP B 307 18.95 3.24 20.49
C TRP B 307 19.92 2.73 19.42
N CYS B 308 21.04 3.44 19.25
CA CYS B 308 22.03 3.00 18.26
C CYS B 308 22.62 1.64 18.61
N ALA B 309 23.13 1.49 19.83
CA ALA B 309 23.78 0.24 20.25
C ALA B 309 22.88 -0.97 20.15
N SER B 310 21.56 -0.75 20.11
CA SER B 310 20.61 -1.86 20.06
C SER B 310 19.94 -2.04 18.70
N VAL B 311 19.90 -1.00 17.87
CA VAL B 311 19.25 -1.12 16.56
C VAL B 311 20.27 -1.32 15.45
N ALA B 312 21.55 -1.00 15.68
CA ALA B 312 22.55 -1.22 14.65
C ALA B 312 22.72 -2.70 14.31
N PRO B 313 22.84 -3.60 15.29
CA PRO B 313 22.94 -5.03 14.93
C PRO B 313 21.68 -5.55 14.26
N LEU B 314 20.53 -4.93 14.51
CA LEU B 314 19.33 -5.31 13.78
C LEU B 314 19.32 -4.70 12.39
N PHE B 315 19.76 -3.44 12.27
CA PHE B 315 19.73 -2.78 10.97
C PHE B 315 20.70 -3.40 9.98
N ALA B 316 21.86 -3.87 10.45
CA ALA B 316 22.79 -4.52 9.53
C ALA B 316 22.25 -5.85 9.03
N LEU B 317 21.77 -6.68 9.95
CA LEU B 317 21.16 -7.95 9.55
C LEU B 317 19.97 -7.72 8.62
N GLU B 318 19.20 -6.66 8.85
CA GLU B 318 18.07 -6.36 7.98
C GLU B 318 18.54 -5.88 6.61
N LEU B 319 19.61 -5.08 6.57
CA LEU B 319 20.19 -4.66 5.30
C LEU B 319 20.67 -5.86 4.49
N LYS B 320 21.15 -6.89 5.17
CA LYS B 320 21.56 -8.11 4.48
C LYS B 320 20.38 -8.95 4.00
N ILE B 321 19.38 -9.16 4.87
CA ILE B 321 18.25 -10.02 4.52
C ILE B 321 17.41 -9.38 3.42
N TYR B 322 17.12 -8.07 3.53
CA TYR B 322 16.31 -7.41 2.53
C TYR B 322 17.03 -7.32 1.20
N GLY B 323 18.37 -7.26 1.22
CA GLY B 323 19.13 -7.34 0.00
C GLY B 323 19.12 -8.72 -0.62
N GLN B 324 19.14 -9.77 0.20
CA GLN B 324 19.00 -11.12 -0.31
C GLN B 324 17.62 -11.41 -0.86
N TRP B 325 16.59 -10.69 -0.39
CA TRP B 325 15.23 -10.96 -0.85
C TRP B 325 15.12 -10.65 -2.33
N LEU B 326 15.90 -9.68 -2.82
CA LEU B 326 16.01 -9.40 -4.25
C LEU B 326 17.08 -10.22 -4.97
N SER B 327 18.35 -9.97 -4.64
CA SER B 327 19.48 -10.57 -5.32
C SER B 327 19.87 -12.00 -4.92
N GLY B 328 19.03 -12.67 -4.13
CA GLY B 328 19.34 -14.04 -3.74
C GLY B 328 18.92 -15.03 -4.81
N GLY B 329 19.71 -16.08 -4.96
CA GLY B 329 19.39 -17.13 -5.90
C GLY B 329 18.47 -18.18 -5.29
N LYS B 330 18.91 -18.76 -4.18
CA LYS B 330 18.15 -19.81 -3.51
C LYS B 330 17.41 -19.33 -2.27
N ARG B 331 17.77 -18.17 -1.72
CA ARG B 331 17.13 -17.61 -0.55
C ARG B 331 16.31 -16.38 -0.88
N ARG B 332 15.70 -16.38 -2.06
CA ARG B 332 14.79 -15.31 -2.45
C ARG B 332 13.51 -15.40 -1.62
N LEU B 333 12.75 -14.31 -1.60
CA LEU B 333 11.55 -14.26 -0.78
C LEU B 333 10.49 -15.24 -1.26
N CYS B 334 10.35 -15.40 -2.58
CA CYS B 334 9.30 -16.27 -3.11
C CYS B 334 9.48 -17.73 -2.72
N LYS B 335 10.66 -18.12 -2.24
CA LYS B 335 10.93 -19.49 -1.82
C LYS B 335 11.18 -19.62 -0.33
N VAL B 336 11.09 -18.52 0.43
CA VAL B 336 11.43 -18.54 1.85
C VAL B 336 10.24 -18.01 2.65
N ALA B 337 9.38 -17.22 2.01
CA ALA B 337 8.27 -16.54 2.67
C ALA B 337 7.42 -17.49 3.49
N ASN B 338 7.42 -17.29 4.81
CA ASN B 338 6.65 -18.08 5.76
C ASN B 338 6.08 -17.12 6.80
N PRO B 339 5.09 -17.54 7.60
CA PRO B 339 4.53 -16.62 8.60
C PRO B 339 5.54 -16.09 9.61
N SER B 340 6.66 -16.78 9.81
CA SER B 340 7.71 -16.29 10.70
C SER B 340 8.61 -15.26 10.02
N SER B 341 8.30 -14.86 8.79
CA SER B 341 9.07 -13.81 8.12
C SER B 341 8.69 -12.42 8.59
N HIS B 342 7.61 -12.28 9.35
CA HIS B 342 7.22 -11.02 9.94
C HIS B 342 8.18 -10.58 11.05
N LEU B 343 9.07 -11.46 11.49
CA LEU B 343 10.02 -11.10 12.53
C LEU B 343 11.14 -10.23 12.01
N SER B 344 11.30 -10.12 10.70
CA SER B 344 12.27 -9.17 10.14
C SER B 344 11.69 -7.77 10.09
N VAL B 345 10.35 -7.67 10.01
CA VAL B 345 9.71 -6.37 9.86
C VAL B 345 9.43 -5.73 11.21
N VAL B 346 9.02 -6.53 12.20
CA VAL B 346 8.65 -5.99 13.51
C VAL B 346 9.79 -5.18 14.10
N GLY B 347 11.03 -5.59 13.84
CA GLY B 347 12.18 -4.86 14.34
C GLY B 347 12.15 -3.40 13.97
N ASN B 348 11.67 -3.07 12.76
CA ASN B 348 11.63 -1.68 12.33
C ASN B 348 10.66 -0.87 13.18
N PHE B 349 9.48 -1.40 13.43
CA PHE B 349 8.50 -0.65 14.20
C PHE B 349 8.91 -0.55 15.68
N VAL B 350 9.50 -1.60 16.24
CA VAL B 350 9.97 -1.48 17.62
C VAL B 350 11.12 -0.49 17.71
N GLY B 351 12.02 -0.48 16.71
CA GLY B 351 13.03 0.54 16.66
C GLY B 351 12.49 1.94 16.49
N ALA B 352 11.38 2.09 15.78
CA ALA B 352 10.74 3.40 15.67
C ALA B 352 10.20 3.85 17.01
N ILE B 353 9.58 2.94 17.76
CA ILE B 353 9.11 3.29 19.11
C ILE B 353 10.28 3.73 19.98
N LEU B 354 11.38 2.96 19.95
CA LEU B 354 12.53 3.32 20.78
C LEU B 354 13.12 4.65 20.33
N ALA B 355 13.17 4.90 19.02
CA ALA B 355 13.71 6.17 18.53
C ALA B 355 12.84 7.33 18.94
N ALA B 356 11.52 7.12 18.98
CA ALA B 356 10.63 8.16 19.49
C ALA B 356 10.86 8.40 20.96
N ARG B 357 11.14 7.33 21.72
N ARG B 357 11.17 7.34 21.72
CA ARG B 357 11.41 7.49 23.15
CA ARG B 357 11.39 7.53 23.15
C ARG B 357 12.69 8.28 23.38
C ARG B 357 12.72 8.24 23.43
N VAL B 358 13.76 7.95 22.66
CA VAL B 358 15.04 8.60 22.91
C VAL B 358 15.05 10.04 22.41
N GLY B 359 14.10 10.40 21.54
CA GLY B 359 13.98 11.75 21.03
C GLY B 359 14.26 11.89 19.56
N TRP B 360 14.98 10.95 18.96
CA TRP B 360 15.30 11.01 17.54
C TRP B 360 14.08 10.62 16.71
N VAL B 361 13.15 11.55 16.52
CA VAL B 361 11.92 11.24 15.82
C VAL B 361 12.16 10.91 14.35
N GLU B 362 13.14 11.55 13.71
CA GLU B 362 13.36 11.31 12.29
C GLU B 362 13.93 9.93 12.00
N ALA B 363 14.81 9.41 12.86
CA ALA B 363 15.19 8.02 12.75
C ALA B 363 14.00 7.09 12.93
N GLY B 364 13.06 7.46 13.81
CA GLY B 364 11.84 6.69 13.93
C GLY B 364 11.03 6.68 12.64
N LYS B 365 10.92 7.84 11.98
CA LYS B 365 10.22 7.89 10.70
C LYS B 365 10.93 7.09 9.62
N PHE B 366 12.26 7.11 9.63
CA PHE B 366 13.02 6.30 8.68
C PHE B 366 12.74 4.81 8.88
N LEU B 367 12.83 4.35 10.13
CA LEU B 367 12.57 2.94 10.40
C LEU B 367 11.12 2.57 10.10
N TRP B 368 10.17 3.46 10.41
CA TRP B 368 8.78 3.16 10.08
C TRP B 368 8.56 3.07 8.58
N ALA B 369 9.19 3.94 7.80
CA ALA B 369 9.05 3.87 6.35
C ALA B 369 9.61 2.58 5.80
N ILE B 370 10.86 2.24 6.14
CA ILE B 370 11.44 1.00 5.65
C ILE B 370 10.80 -0.23 6.28
N GLY B 371 9.98 -0.06 7.31
CA GLY B 371 9.25 -1.17 7.87
C GLY B 371 7.94 -1.40 7.14
N VAL B 372 7.20 -0.34 6.84
CA VAL B 372 5.93 -0.52 6.13
C VAL B 372 6.19 -0.93 4.68
N ALA B 373 7.28 -0.42 4.09
CA ALA B 373 7.57 -0.76 2.70
C ALA B 373 7.79 -2.25 2.52
N HIS B 374 8.33 -2.92 3.52
CA HIS B 374 8.56 -4.35 3.46
C HIS B 374 7.46 -5.16 4.12
N TYR B 375 6.69 -4.55 5.02
CA TYR B 375 5.50 -5.21 5.52
C TYR B 375 4.49 -5.42 4.40
N ILE B 376 4.34 -4.43 3.52
CA ILE B 376 3.45 -4.62 2.38
C ILE B 376 3.90 -5.80 1.54
N VAL B 377 5.21 -5.90 1.29
CA VAL B 377 5.74 -6.99 0.47
C VAL B 377 5.48 -8.33 1.14
N VAL B 378 5.80 -8.46 2.43
CA VAL B 378 5.61 -9.74 3.12
C VAL B 378 4.13 -10.10 3.19
N PHE B 379 3.28 -9.12 3.46
CA PHE B 379 1.84 -9.35 3.56
C PHE B 379 1.30 -9.87 2.24
N VAL B 380 1.71 -9.28 1.12
CA VAL B 380 1.18 -9.73 -0.16
C VAL B 380 1.79 -11.05 -0.57
N THR B 381 3.07 -11.29 -0.25
CA THR B 381 3.72 -12.53 -0.65
C THR B 381 3.35 -13.72 0.21
N LEU B 382 2.75 -13.49 1.38
CA LEU B 382 2.28 -14.59 2.20
C LEU B 382 0.87 -15.02 1.85
N TYR B 383 0.18 -14.28 0.99
CA TYR B 383 -1.17 -14.62 0.57
C TYR B 383 -1.21 -15.44 -0.71
N GLN B 384 -0.05 -15.76 -1.28
CA GLN B 384 0.02 -16.55 -2.51
C GLN B 384 0.69 -17.89 -2.26
N ARG B 385 1.91 -17.90 -1.71
CA ARG B 385 2.65 -19.12 -1.44
C ARG B 385 2.80 -19.99 -2.69
N GLU B 395 -0.92 -25.38 8.73
CA GLU B 395 -1.35 -24.53 9.84
C GLU B 395 -0.60 -24.89 11.12
N LEU B 396 0.36 -24.04 11.50
CA LEU B 396 1.08 -24.19 12.75
C LEU B 396 0.40 -23.34 13.81
N HIS B 397 0.43 -23.81 15.05
CA HIS B 397 -0.32 -23.09 16.08
C HIS B 397 0.41 -21.83 16.55
N PRO B 398 1.62 -21.91 17.12
CA PRO B 398 2.18 -20.72 17.77
C PRO B 398 2.73 -19.67 16.82
N VAL B 399 3.51 -20.10 15.81
CA VAL B 399 4.27 -19.16 15.01
C VAL B 399 3.46 -18.60 13.84
N TYR B 400 2.31 -19.19 13.53
CA TYR B 400 1.45 -18.63 12.49
C TYR B 400 0.80 -17.33 12.91
N SER B 401 0.91 -16.96 14.19
CA SER B 401 0.24 -15.79 14.73
C SER B 401 1.09 -14.53 14.66
N MET B 402 2.20 -14.56 13.93
CA MET B 402 3.00 -13.36 13.72
C MET B 402 2.33 -12.37 12.78
N PHE B 403 1.16 -12.72 12.24
CA PHE B 403 0.41 -11.78 11.41
C PHE B 403 -0.14 -10.64 12.25
N ILE B 404 -0.22 -10.81 13.56
CA ILE B 404 -0.79 -9.80 14.44
C ILE B 404 0.26 -8.88 15.04
N ALA B 405 1.50 -9.35 15.17
CA ALA B 405 2.54 -8.56 15.80
C ALA B 405 3.07 -7.45 14.92
N THR B 406 3.01 -7.59 13.61
CA THR B 406 3.57 -6.54 12.77
C THR B 406 2.63 -5.34 12.65
N PRO B 407 1.32 -5.50 12.40
CA PRO B 407 0.46 -4.31 12.32
C PRO B 407 0.23 -3.63 13.65
N SER B 408 0.12 -4.36 14.75
CA SER B 408 0.00 -3.70 16.04
C SER B 408 1.25 -2.87 16.35
N ALA B 409 2.42 -3.39 16.01
CA ALA B 409 3.65 -2.62 16.17
C ALA B 409 3.71 -1.43 15.22
N ALA B 410 3.19 -1.57 14.00
CA ALA B 410 3.16 -0.43 13.08
C ALA B 410 2.18 0.64 13.54
N SER B 411 1.14 0.24 14.26
CA SER B 411 0.22 1.20 14.86
C SER B 411 0.83 1.88 16.07
N LEU B 412 1.59 1.13 16.88
CA LEU B 412 2.25 1.73 18.03
C LEU B 412 3.37 2.68 17.63
N ALA B 413 4.15 2.33 16.61
CA ALA B 413 5.24 3.18 16.17
C ALA B 413 4.73 4.50 15.58
N TRP B 414 3.65 4.47 14.82
CA TRP B 414 3.11 5.70 14.27
C TRP B 414 2.51 6.58 15.35
N ALA B 415 1.95 5.99 16.40
CA ALA B 415 1.44 6.76 17.52
C ALA B 415 2.54 7.26 18.43
N ALA B 416 3.72 6.65 18.39
CA ALA B 416 4.84 7.15 19.17
C ALA B 416 5.58 8.26 18.42
N ILE B 417 5.68 8.14 17.10
CA ILE B 417 6.35 9.16 16.30
C ILE B 417 5.51 10.43 16.27
N TYR B 418 4.31 10.35 15.72
CA TYR B 418 3.35 11.44 15.73
C TYR B 418 2.47 11.29 16.97
N GLY B 419 2.22 12.41 17.65
CA GLY B 419 1.75 12.35 19.02
C GLY B 419 0.53 11.47 19.25
N SER B 420 -0.43 11.50 18.33
CA SER B 420 -1.73 10.89 18.58
C SER B 420 -1.98 9.69 17.67
N PHE B 421 -3.17 9.12 17.83
CA PHE B 421 -3.59 7.89 17.15
C PHE B 421 -4.38 8.30 15.91
N ASP B 422 -3.67 8.84 14.92
CA ASP B 422 -4.29 9.63 13.86
C ASP B 422 -4.54 8.82 12.61
N ALA B 423 -5.50 7.90 12.69
CA ALA B 423 -6.15 7.27 11.53
C ALA B 423 -5.23 6.36 10.73
N VAL B 424 -3.91 6.49 10.89
CA VAL B 424 -3.00 5.53 10.29
C VAL B 424 -2.63 4.49 11.33
N ALA B 425 -2.31 4.94 12.54
CA ALA B 425 -2.32 4.05 13.68
C ALA B 425 -3.65 3.30 13.76
N ARG B 426 -4.76 3.99 13.45
CA ARG B 426 -6.06 3.33 13.52
C ARG B 426 -6.24 2.33 12.39
N THR B 427 -5.84 2.68 11.17
CA THR B 427 -5.92 1.71 10.09
C THR B 427 -5.12 0.46 10.41
N PHE B 428 -3.86 0.62 10.82
CA PHE B 428 -3.03 -0.54 11.11
C PHE B 428 -3.53 -1.31 12.31
N PHE B 429 -4.03 -0.62 13.33
CA PHE B 429 -4.52 -1.32 14.52
C PHE B 429 -5.77 -2.10 14.21
N PHE B 430 -6.65 -1.57 13.36
CA PHE B 430 -7.86 -2.30 13.02
C PHE B 430 -7.54 -3.47 12.11
N MET B 431 -6.54 -3.34 11.24
CA MET B 431 -6.06 -4.49 10.49
C MET B 431 -5.53 -5.57 11.43
N ALA B 432 -4.74 -5.19 12.43
CA ALA B 432 -4.25 -6.14 13.43
C ALA B 432 -5.36 -6.76 14.23
N LEU B 433 -6.39 -5.99 14.60
CA LEU B 433 -7.52 -6.52 15.34
C LEU B 433 -8.32 -7.50 14.50
N PHE B 434 -8.48 -7.24 13.20
CA PHE B 434 -9.14 -8.22 12.35
C PHE B 434 -8.31 -9.49 12.21
N LEU B 435 -7.00 -9.36 12.06
CA LEU B 435 -6.16 -10.55 11.98
C LEU B 435 -6.15 -11.34 13.28
N TYR B 436 -6.31 -10.66 14.42
CA TYR B 436 -6.43 -11.34 15.70
C TYR B 436 -7.78 -12.03 15.83
N MET B 437 -8.84 -11.37 15.38
CA MET B 437 -10.17 -11.95 15.45
C MET B 437 -10.32 -13.14 14.52
N SER B 438 -9.71 -13.08 13.34
CA SER B 438 -9.74 -14.16 12.38
C SER B 438 -8.77 -15.26 12.76
N LEU B 439 -8.03 -15.13 13.86
CA LEU B 439 -7.10 -16.22 14.32
C LEU B 439 -7.69 -17.01 15.48
N VAL B 440 -8.32 -16.33 16.44
CA VAL B 440 -9.02 -17.08 17.51
C VAL B 440 -10.10 -17.99 16.91
N VAL B 441 -10.56 -17.72 15.70
CA VAL B 441 -11.67 -18.51 15.11
C VAL B 441 -11.22 -19.84 14.50
N ARG B 442 -10.16 -19.82 13.69
CA ARG B 442 -9.59 -21.08 13.15
C ARG B 442 -9.15 -21.91 14.36
N ILE B 443 -8.08 -21.51 15.03
CA ILE B 443 -7.62 -22.23 16.25
C ILE B 443 -8.46 -21.69 17.40
N ASN B 444 -9.48 -22.43 17.83
CA ASN B 444 -10.41 -21.90 18.86
C ASN B 444 -9.67 -21.58 20.18
N PHE B 445 -8.44 -22.11 20.36
CA PHE B 445 -7.57 -21.95 21.57
C PHE B 445 -7.45 -23.37 22.12
N PHE B 446 -7.98 -24.34 21.38
CA PHE B 446 -7.93 -25.76 21.83
C PHE B 446 -7.04 -26.58 20.88
N ARG B 447 -5.95 -25.98 20.37
CA ARG B 447 -5.03 -26.70 19.45
C ARG B 447 -4.59 -28.03 20.08
N GLY B 448 -4.35 -28.05 21.40
CA GLY B 448 -4.03 -29.32 22.08
C GLY B 448 -3.15 -29.10 23.29
N PHE B 449 -2.69 -30.17 23.94
CA PHE B 449 -1.76 -29.99 25.05
C PHE B 449 -0.37 -29.68 24.48
N ARG B 450 -0.16 -28.40 24.17
CA ARG B 450 1.10 -27.93 23.59
C ARG B 450 1.56 -26.69 24.35
N PHE B 451 2.71 -26.79 25.01
CA PHE B 451 3.32 -25.66 25.71
C PHE B 451 4.82 -25.79 25.51
N SER B 452 5.38 -24.97 24.62
CA SER B 452 6.75 -25.14 24.17
C SER B 452 7.46 -23.79 24.13
N ILE B 453 8.73 -23.81 23.74
CA ILE B 453 9.47 -22.58 23.54
C ILE B 453 8.96 -21.86 22.30
N ALA B 454 8.52 -22.61 21.29
CA ALA B 454 7.86 -22.00 20.15
C ALA B 454 6.51 -21.40 20.53
N TRP B 455 5.83 -21.97 21.52
CA TRP B 455 4.59 -21.39 22.04
C TRP B 455 4.83 -20.09 22.80
N TRP B 456 6.07 -19.80 23.18
CA TRP B 456 6.39 -18.52 23.79
C TRP B 456 6.41 -17.38 22.78
N SER B 457 6.46 -17.68 21.49
CA SER B 457 6.30 -16.66 20.47
C SER B 457 4.86 -16.67 19.97
N TYR B 458 3.97 -17.23 20.78
CA TYR B 458 2.54 -17.03 20.65
C TYR B 458 2.04 -15.91 21.56
N THR B 459 2.86 -15.42 22.47
CA THR B 459 2.48 -14.33 23.36
C THR B 459 2.95 -12.98 22.88
N PHE B 460 4.05 -12.92 22.14
CA PHE B 460 4.55 -11.64 21.65
C PHE B 460 3.56 -10.96 20.71
N PRO B 461 2.94 -11.66 19.75
CA PRO B 461 1.92 -10.98 18.94
C PRO B 461 0.69 -10.59 19.73
N MET B 462 0.24 -11.43 20.66
CA MET B 462 -0.95 -11.09 21.44
C MET B 462 -0.68 -9.93 22.38
N THR B 463 0.56 -9.80 22.86
CA THR B 463 0.86 -8.73 23.80
C THR B 463 0.95 -7.38 23.10
N THR B 464 1.54 -7.32 21.91
CA THR B 464 1.55 -6.07 21.17
C THR B 464 0.16 -5.70 20.70
N ALA B 465 -0.65 -6.70 20.33
CA ALA B 465 -2.03 -6.43 19.97
C ALA B 465 -2.88 -6.04 21.16
N SER B 466 -2.46 -6.38 22.38
CA SER B 466 -3.12 -5.91 23.58
C SER B 466 -2.60 -4.55 24.04
N LEU B 467 -1.42 -4.17 23.59
CA LEU B 467 -0.84 -2.86 23.88
C LEU B 467 -1.38 -1.78 22.95
N ALA B 468 -1.46 -2.08 21.65
CA ALA B 468 -2.08 -1.16 20.72
C ALA B 468 -3.52 -0.85 21.10
N THR B 469 -4.27 -1.84 21.59
CA THR B 469 -5.65 -1.56 21.99
C THR B 469 -5.73 -0.80 23.30
N VAL B 470 -4.71 -0.88 24.17
CA VAL B 470 -4.69 0.01 25.33
C VAL B 470 -4.46 1.45 24.88
N LYS B 471 -3.51 1.66 23.97
CA LYS B 471 -3.33 3.00 23.41
C LYS B 471 -4.61 3.50 22.75
N TYR B 472 -5.32 2.62 22.02
CA TYR B 472 -6.57 3.02 21.39
C TYR B 472 -7.65 3.34 22.41
N ALA B 473 -7.78 2.54 23.47
CA ALA B 473 -8.75 2.80 24.51
C ALA B 473 -8.47 4.09 25.25
N GLU B 474 -7.21 4.51 25.33
CA GLU B 474 -6.91 5.83 25.87
C GLU B 474 -7.03 6.93 24.81
N ALA B 475 -7.14 6.56 23.53
CA ALA B 475 -7.38 7.51 22.46
C ALA B 475 -8.87 7.73 22.17
N VAL B 476 -9.66 6.66 22.18
CA VAL B 476 -11.10 6.72 21.99
C VAL B 476 -11.76 6.16 23.24
N PRO B 477 -12.14 6.99 24.21
CA PRO B 477 -12.58 6.48 25.52
C PRO B 477 -14.08 6.15 25.57
N CYS B 478 -14.45 5.05 24.93
CA CYS B 478 -15.80 4.51 25.05
C CYS B 478 -15.82 3.47 26.17
N PHE B 479 -16.93 2.73 26.26
CA PHE B 479 -16.96 1.58 27.14
C PHE B 479 -16.57 0.31 26.39
N LEU B 480 -17.02 0.21 25.15
CA LEU B 480 -16.73 -0.99 24.35
C LEU B 480 -15.23 -1.07 24.08
N SER B 481 -14.57 0.05 23.83
CA SER B 481 -13.13 0.06 23.61
C SER B 481 -12.34 -0.24 24.88
N ARG B 482 -12.77 0.31 26.02
CA ARG B 482 -12.12 0.01 27.28
C ARG B 482 -12.25 -1.47 27.64
N ALA B 483 -13.44 -2.03 27.48
CA ALA B 483 -13.64 -3.46 27.69
C ALA B 483 -12.82 -4.31 26.74
N LEU B 484 -12.67 -3.90 25.48
CA LEU B 484 -11.81 -4.62 24.54
C LEU B 484 -10.35 -4.59 24.96
N ALA B 485 -9.86 -3.43 25.38
CA ALA B 485 -8.48 -3.35 25.85
C ALA B 485 -8.31 -4.21 27.09
N LEU B 486 -9.28 -4.20 28.01
CA LEU B 486 -9.21 -4.98 29.28
C LEU B 486 -9.34 -6.46 29.00
N SER B 487 -10.09 -6.84 27.99
CA SER B 487 -10.14 -8.25 27.60
C SER B 487 -8.86 -8.76 26.96
N LEU B 488 -8.34 -8.05 25.95
CA LEU B 488 -7.09 -8.47 25.33
C LEU B 488 -5.93 -8.46 26.32
N SER B 489 -5.88 -7.51 27.25
CA SER B 489 -4.80 -7.46 28.21
C SER B 489 -4.84 -8.65 29.15
N LEU B 490 -6.01 -8.95 29.72
CA LEU B 490 -6.12 -10.08 30.62
C LEU B 490 -6.09 -11.41 29.90
N MET B 491 -6.22 -11.40 28.58
CA MET B 491 -6.07 -12.62 27.80
C MET B 491 -4.62 -12.90 27.42
N SER B 492 -3.82 -11.86 27.17
CA SER B 492 -2.41 -12.06 26.91
C SER B 492 -1.62 -12.32 28.20
N THR B 493 -1.92 -11.55 29.25
CA THR B 493 -1.25 -11.73 30.52
C THR B 493 -1.48 -13.10 31.13
N THR B 494 -2.70 -13.63 31.07
CA THR B 494 -2.92 -14.96 31.62
C THR B 494 -2.19 -16.04 30.84
N MET B 495 -2.06 -15.90 29.52
CA MET B 495 -1.33 -16.86 28.74
C MET B 495 0.16 -16.81 29.06
N VAL B 496 0.73 -15.62 29.17
CA VAL B 496 2.12 -15.51 29.62
C VAL B 496 2.29 -16.11 31.01
N SER B 497 1.33 -15.89 31.91
CA SER B 497 1.44 -16.43 33.26
C SER B 497 1.42 -17.95 33.26
N LEU B 498 0.48 -18.56 32.54
CA LEU B 498 0.44 -20.03 32.48
C LEU B 498 1.67 -20.60 31.81
N LEU B 499 2.15 -19.99 30.72
CA LEU B 499 3.41 -20.44 30.14
C LEU B 499 4.55 -20.34 31.14
N LEU B 500 4.57 -19.30 31.98
CA LEU B 500 5.63 -19.14 32.95
C LEU B 500 5.57 -20.21 34.04
N VAL B 501 4.38 -20.49 34.57
CA VAL B 501 4.30 -21.42 35.70
C VAL B 501 4.43 -22.84 35.16
N SER B 502 4.26 -23.01 33.85
CA SER B 502 4.56 -24.28 33.22
C SER B 502 6.04 -24.47 32.96
N THR B 503 6.74 -23.46 32.45
CA THR B 503 8.17 -23.54 32.20
C THR B 503 8.97 -23.68 33.49
N LEU B 504 8.66 -22.92 34.50
CA LEU B 504 9.44 -22.98 35.74
C LEU B 504 9.02 -24.24 36.47
N LEU B 505 8.15 -25.06 35.86
CA LEU B 505 7.77 -26.36 36.47
C LEU B 505 8.59 -27.44 35.76
N HIS B 506 8.55 -27.47 34.44
CA HIS B 506 9.34 -28.44 33.65
C HIS B 506 10.82 -28.25 34.00
N ALA B 507 11.24 -27.00 34.21
CA ALA B 507 12.67 -26.73 34.47
C ALA B 507 13.09 -27.41 35.76
N PHE B 508 12.23 -27.40 36.77
CA PHE B 508 12.63 -27.99 38.08
C PHE B 508 12.38 -29.49 38.06
N VAL B 509 11.30 -29.96 37.43
CA VAL B 509 11.00 -31.38 37.50
C VAL B 509 11.75 -32.21 36.47
N TRP B 510 12.73 -31.57 35.84
CA TRP B 510 13.63 -32.30 34.91
C TRP B 510 14.31 -33.39 35.73
N ARG B 511 15.31 -33.03 36.55
CA ARG B 511 15.97 -34.02 37.44
C ARG B 511 15.86 -33.58 38.90
N SER B 512 15.34 -32.37 39.18
CA SER B 512 15.26 -31.83 40.56
C SER B 512 16.54 -32.17 41.35
N TRP C 191 -40.68 -27.63 -8.30
CA TRP C 191 -40.54 -26.71 -9.42
C TRP C 191 -39.13 -26.77 -10.00
N PRO C 192 -39.02 -27.15 -11.27
CA PRO C 192 -37.70 -27.19 -11.91
C PRO C 192 -37.12 -25.83 -12.24
N PHE C 193 -37.86 -24.75 -12.01
CA PHE C 193 -37.34 -23.41 -12.31
C PHE C 193 -36.31 -22.98 -11.26
N LEU C 194 -36.49 -23.41 -10.01
CA LEU C 194 -35.63 -22.93 -8.94
C LEU C 194 -34.19 -23.44 -9.05
N LEU C 195 -33.98 -24.63 -9.61
CA LEU C 195 -32.62 -25.13 -9.75
C LEU C 195 -31.83 -24.32 -10.77
N ARG C 196 -32.51 -23.67 -11.71
CA ARG C 196 -31.85 -22.82 -12.69
C ARG C 196 -31.80 -21.36 -12.26
N PHE C 197 -32.28 -21.05 -11.06
CA PHE C 197 -32.21 -19.68 -10.56
C PHE C 197 -30.81 -19.41 -10.02
N PRO C 198 -30.07 -18.47 -10.59
CA PRO C 198 -28.69 -18.24 -10.19
C PRO C 198 -28.57 -17.24 -9.04
N ILE C 199 -27.43 -17.30 -8.36
CA ILE C 199 -27.12 -16.30 -7.34
C ILE C 199 -26.77 -14.97 -7.95
N GLY C 200 -26.24 -14.96 -9.18
CA GLY C 200 -25.93 -13.72 -9.87
C GLY C 200 -27.13 -12.87 -10.20
N CYS C 201 -28.34 -13.37 -9.97
CA CYS C 201 -29.55 -12.56 -10.14
C CYS C 201 -29.62 -11.43 -9.13
N PHE C 202 -28.87 -11.53 -8.03
CA PHE C 202 -28.77 -10.42 -7.09
C PHE C 202 -28.00 -9.24 -7.65
N GLY C 203 -27.27 -9.42 -8.75
CA GLY C 203 -26.68 -8.27 -9.41
C GLY C 203 -27.72 -7.34 -10.01
N VAL C 204 -28.84 -7.89 -10.46
CA VAL C 204 -29.93 -7.07 -10.97
C VAL C 204 -30.41 -6.10 -9.90
N CYS C 205 -30.44 -6.54 -8.65
CA CYS C 205 -30.81 -5.66 -7.55
C CYS C 205 -29.65 -4.79 -7.06
N LEU C 206 -28.43 -5.31 -7.13
CA LEU C 206 -27.28 -4.50 -6.73
C LEU C 206 -27.15 -3.26 -7.62
N GLY C 207 -27.09 -3.46 -8.93
CA GLY C 207 -26.98 -2.38 -9.88
C GLY C 207 -28.24 -1.55 -10.05
N LEU C 208 -29.32 -1.89 -9.39
CA LEU C 208 -30.55 -1.11 -9.41
C LEU C 208 -30.80 -0.36 -8.12
N GLY C 209 -30.36 -0.90 -6.98
CA GLY C 209 -30.34 -0.15 -5.75
C GLY C 209 -29.18 0.80 -5.63
N SER C 210 -28.10 0.56 -6.37
CA SER C 210 -27.05 1.54 -6.48
C SER C 210 -27.42 2.71 -7.36
N GLN C 211 -28.56 2.64 -8.05
CA GLN C 211 -29.09 3.76 -8.82
C GLN C 211 -29.93 4.70 -7.98
N ALA C 212 -30.67 4.17 -6.99
CA ALA C 212 -31.36 5.04 -6.06
C ALA C 212 -30.39 5.96 -5.35
N ILE C 213 -29.23 5.45 -4.96
CA ILE C 213 -28.23 6.28 -4.30
C ILE C 213 -27.72 7.36 -5.23
N LEU C 214 -27.44 7.02 -6.48
CA LEU C 214 -26.96 8.02 -7.44
C LEU C 214 -28.00 9.10 -7.70
N TRP C 215 -29.27 8.73 -7.83
CA TRP C 215 -30.29 9.75 -8.03
C TRP C 215 -30.53 10.60 -6.79
N GLY C 216 -30.47 10.01 -5.60
CA GLY C 216 -30.49 10.81 -4.39
C GLY C 216 -29.34 11.80 -4.32
N ALA C 217 -28.14 11.36 -4.71
CA ALA C 217 -27.01 12.28 -4.75
C ALA C 217 -27.23 13.39 -5.76
N LEU C 218 -27.69 13.06 -6.97
CA LEU C 218 -27.96 14.07 -7.98
C LEU C 218 -29.06 15.03 -7.55
N ALA C 219 -29.96 14.60 -6.68
CA ALA C 219 -31.02 15.48 -6.19
C ALA C 219 -30.60 16.29 -4.97
N ALA C 220 -29.58 15.85 -4.23
CA ALA C 220 -29.16 16.54 -3.01
C ALA C 220 -27.80 17.19 -3.09
N SER C 221 -27.03 16.94 -4.13
CA SER C 221 -25.68 17.50 -4.20
C SER C 221 -25.74 18.97 -4.58
N PRO C 222 -25.09 19.86 -3.84
CA PRO C 222 -25.10 21.28 -4.22
C PRO C 222 -24.03 21.61 -5.25
N ALA C 223 -23.89 20.77 -6.25
CA ALA C 223 -23.10 21.05 -7.44
C ALA C 223 -23.87 20.72 -8.71
N MET C 224 -24.63 19.63 -8.70
CA MET C 224 -25.56 19.32 -9.78
C MET C 224 -26.93 19.94 -9.51
N ARG C 225 -26.93 21.22 -9.13
CA ARG C 225 -28.18 21.94 -8.95
C ARG C 225 -28.64 22.66 -10.20
N PHE C 226 -27.80 22.74 -11.24
CA PHE C 226 -28.33 23.16 -12.53
C PHE C 226 -29.31 22.14 -13.07
N LEU C 227 -29.12 20.86 -12.75
CA LEU C 227 -30.07 19.83 -13.13
C LEU C 227 -31.36 20.00 -12.34
N ARG C 228 -32.47 20.21 -13.05
CA ARG C 228 -33.77 20.34 -12.41
C ARG C 228 -34.35 18.95 -12.10
N VAL C 229 -33.55 18.16 -11.41
CA VAL C 229 -33.91 16.78 -11.08
C VAL C 229 -34.79 16.79 -9.84
N THR C 230 -35.72 15.86 -9.77
CA THR C 230 -36.68 15.76 -8.70
C THR C 230 -36.27 14.69 -7.69
N PRO C 231 -36.57 14.88 -6.40
CA PRO C 231 -36.36 13.81 -5.43
C PRO C 231 -37.36 12.66 -5.57
N MET C 232 -38.30 12.74 -6.51
CA MET C 232 -39.24 11.65 -6.74
C MET C 232 -38.62 10.52 -7.54
N ILE C 233 -37.66 10.82 -8.42
CA ILE C 233 -36.99 9.77 -9.18
C ILE C 233 -36.22 8.82 -8.26
N ASN C 234 -35.55 9.36 -7.24
CA ASN C 234 -34.87 8.50 -6.28
C ASN C 234 -35.86 7.60 -5.54
N LEU C 235 -37.01 8.15 -5.15
CA LEU C 235 -38.01 7.33 -4.45
C LEU C 235 -38.56 6.24 -5.35
N ALA C 236 -38.84 6.54 -6.62
CA ALA C 236 -39.33 5.52 -7.53
C ALA C 236 -38.29 4.42 -7.76
N VAL C 237 -37.05 4.80 -8.01
CA VAL C 237 -36.00 3.81 -8.25
C VAL C 237 -35.75 3.00 -6.99
N TRP C 238 -35.84 3.61 -5.81
CA TRP C 238 -35.62 2.87 -4.58
C TRP C 238 -36.74 1.89 -4.31
N LEU C 239 -37.99 2.29 -4.57
CA LEU C 239 -39.10 1.34 -4.42
C LEU C 239 -38.95 0.18 -5.37
N LEU C 240 -38.57 0.45 -6.63
CA LEU C 240 -38.34 -0.64 -7.57
C LEU C 240 -37.23 -1.57 -7.08
N ALA C 241 -36.14 -0.99 -6.57
CA ALA C 241 -35.02 -1.80 -6.09
C ALA C 241 -35.40 -2.64 -4.88
N ALA C 242 -36.17 -2.08 -3.95
CA ALA C 242 -36.61 -2.85 -2.79
C ALA C 242 -37.56 -3.97 -3.18
N ALA C 243 -38.49 -3.71 -4.11
CA ALA C 243 -39.36 -4.78 -4.58
C ALA C 243 -38.57 -5.88 -5.25
N VAL C 244 -37.61 -5.53 -6.12
CA VAL C 244 -36.78 -6.54 -6.77
C VAL C 244 -35.98 -7.32 -5.74
N LEU C 245 -35.46 -6.64 -4.70
CA LEU C 245 -34.68 -7.34 -3.69
C LEU C 245 -35.54 -8.33 -2.92
N ALA C 246 -36.73 -7.90 -2.47
CA ALA C 246 -37.62 -8.82 -1.79
C ALA C 246 -37.97 -10.01 -2.68
N ALA C 247 -38.22 -9.77 -3.97
CA ALA C 247 -38.56 -10.84 -4.89
C ALA C 247 -37.42 -11.86 -5.00
N THR C 248 -36.23 -11.41 -5.40
CA THR C 248 -35.13 -12.35 -5.59
C THR C 248 -34.52 -12.81 -4.29
N SER C 249 -34.98 -12.31 -3.15
CA SER C 249 -34.55 -12.84 -1.87
C SER C 249 -35.49 -13.94 -1.39
N VAL C 250 -36.80 -13.76 -1.55
CA VAL C 250 -37.73 -14.83 -1.22
C VAL C 250 -37.56 -16.00 -2.18
N THR C 251 -37.34 -15.70 -3.47
CA THR C 251 -37.13 -16.77 -4.43
C THR C 251 -35.89 -17.58 -4.10
N TYR C 252 -34.83 -16.92 -3.65
CA TYR C 252 -33.61 -17.63 -3.30
C TYR C 252 -33.70 -18.34 -1.96
N ALA C 253 -34.46 -17.80 -1.00
CA ALA C 253 -34.71 -18.52 0.23
C ALA C 253 -35.47 -19.81 -0.04
N LEU C 254 -36.45 -19.78 -0.94
CA LEU C 254 -37.12 -21.02 -1.33
C LEU C 254 -36.18 -22.02 -1.96
N LYS C 255 -35.30 -21.58 -2.86
CA LYS C 255 -34.32 -22.48 -3.46
C LYS C 255 -33.36 -23.06 -2.44
N CYS C 256 -32.91 -22.25 -1.48
CA CYS C 256 -31.96 -22.71 -0.48
C CYS C 256 -32.62 -23.69 0.50
N VAL C 257 -33.89 -23.47 0.84
CA VAL C 257 -34.56 -24.35 1.78
C VAL C 257 -35.16 -25.58 1.11
N PHE C 258 -35.30 -25.60 -0.21
CA PHE C 258 -35.83 -26.76 -0.91
C PHE C 258 -34.75 -27.65 -1.50
N TYR C 259 -33.79 -27.08 -2.22
CA TYR C 259 -32.71 -27.82 -2.86
C TYR C 259 -31.40 -27.30 -2.27
N PHE C 260 -30.97 -27.89 -1.15
CA PHE C 260 -29.75 -27.46 -0.49
C PHE C 260 -28.50 -27.99 -1.17
N GLU C 261 -28.62 -29.03 -2.00
CA GLU C 261 -27.45 -29.50 -2.73
C GLU C 261 -27.06 -28.56 -3.88
N ALA C 262 -27.93 -27.61 -4.22
CA ALA C 262 -27.65 -26.72 -5.34
C ALA C 262 -26.80 -25.53 -4.95
N ILE C 263 -27.11 -24.85 -3.84
CA ILE C 263 -26.25 -23.74 -3.44
C ILE C 263 -24.94 -24.26 -2.85
N ARG C 264 -24.87 -25.56 -2.54
CA ARG C 264 -23.55 -26.11 -2.20
C ARG C 264 -22.67 -26.24 -3.43
N ARG C 265 -23.24 -26.66 -4.56
CA ARG C 265 -22.48 -26.67 -5.80
C ARG C 265 -22.23 -25.25 -6.31
N GLU C 266 -23.08 -24.30 -5.94
CA GLU C 266 -22.89 -22.92 -6.35
C GLU C 266 -21.93 -22.17 -5.43
N PHE C 267 -21.74 -22.66 -4.20
CA PHE C 267 -20.89 -21.97 -3.24
C PHE C 267 -19.44 -22.42 -3.35
N PHE C 268 -19.20 -23.63 -3.87
CA PHE C 268 -17.86 -24.18 -3.98
C PHE C 268 -17.26 -23.96 -5.35
N HIS C 269 -17.63 -22.89 -6.00
CA HIS C 269 -17.19 -22.40 -7.30
C HIS C 269 -16.21 -21.26 -7.12
N PRO C 270 -15.25 -21.08 -8.04
CA PRO C 270 -14.33 -19.95 -7.90
C PRO C 270 -14.96 -18.61 -8.25
N VAL C 271 -15.95 -18.63 -9.14
CA VAL C 271 -16.58 -17.39 -9.59
C VAL C 271 -17.84 -17.08 -8.81
N ARG C 272 -18.66 -18.10 -8.51
CA ARG C 272 -19.96 -17.90 -7.91
C ARG C 272 -19.94 -17.92 -6.39
N VAL C 273 -18.76 -18.01 -5.77
CA VAL C 273 -18.69 -17.86 -4.32
C VAL C 273 -18.61 -16.38 -3.92
N ASN C 274 -18.11 -15.52 -4.80
CA ASN C 274 -18.04 -14.09 -4.53
C ASN C 274 -19.38 -13.39 -4.74
N PHE C 275 -20.32 -14.04 -5.40
CA PHE C 275 -21.66 -13.48 -5.56
C PHE C 275 -22.54 -13.73 -4.35
N PHE C 276 -22.01 -14.35 -3.30
CA PHE C 276 -22.75 -14.51 -2.06
C PHE C 276 -22.63 -13.30 -1.16
N PHE C 277 -21.89 -12.27 -1.59
CA PHE C 277 -21.81 -11.01 -0.86
C PHE C 277 -22.84 -10.01 -1.35
N THR C 278 -23.32 -10.16 -2.58
CA THR C 278 -24.31 -9.26 -3.16
C THR C 278 -25.67 -9.29 -2.47
N PRO C 279 -26.14 -10.42 -1.92
CA PRO C 279 -27.41 -10.36 -1.16
C PRO C 279 -27.34 -9.48 0.07
N SER C 280 -26.15 -9.08 0.51
CA SER C 280 -26.02 -8.14 1.61
C SER C 280 -25.57 -6.76 1.17
N ILE C 281 -24.75 -6.67 0.12
CA ILE C 281 -24.40 -5.36 -0.44
C ILE C 281 -25.62 -4.69 -1.03
N ALA C 282 -26.52 -5.48 -1.64
CA ALA C 282 -27.74 -4.92 -2.17
C ALA C 282 -28.68 -4.42 -1.08
N ALA C 283 -28.58 -4.97 0.13
CA ALA C 283 -29.36 -4.44 1.24
C ALA C 283 -28.72 -3.22 1.87
N MET C 284 -27.39 -3.22 1.97
CA MET C 284 -26.69 -2.00 2.40
C MET C 284 -26.90 -0.85 1.44
N PHE C 285 -27.06 -1.12 0.15
CA PHE C 285 -27.36 -0.08 -0.82
C PHE C 285 -28.80 0.41 -0.76
N LEU C 286 -29.70 -0.37 -0.17
CA LEU C 286 -31.03 0.14 0.14
C LEU C 286 -31.02 0.97 1.41
N ALA C 287 -30.22 0.55 2.39
CA ALA C 287 -30.13 1.31 3.63
C ALA C 287 -29.47 2.67 3.41
N ILE C 288 -28.40 2.71 2.62
CA ILE C 288 -27.68 3.96 2.39
C ILE C 288 -28.54 4.94 1.60
N GLY C 289 -29.31 4.46 0.63
CA GLY C 289 -30.05 5.35 -0.23
C GLY C 289 -31.53 5.43 0.07
N LEU C 290 -31.89 5.45 1.36
CA LEU C 290 -33.27 5.57 1.77
C LEU C 290 -33.81 6.93 1.33
N PRO C 291 -34.95 7.00 0.66
CA PRO C 291 -35.44 8.30 0.18
C PRO C 291 -35.73 9.24 1.34
N ARG C 292 -35.49 10.52 1.10
CA ARG C 292 -35.74 11.53 2.14
C ARG C 292 -37.21 11.61 2.48
N ALA C 293 -38.10 11.44 1.49
CA ALA C 293 -39.52 11.50 1.75
C ALA C 293 -40.01 10.32 2.57
N LEU C 294 -39.29 9.20 2.54
CA LEU C 294 -39.72 7.99 3.23
C LEU C 294 -39.07 7.83 4.60
N ALA C 295 -37.94 8.47 4.85
CA ALA C 295 -37.31 8.41 6.15
C ALA C 295 -38.16 9.15 7.18
N PRO C 296 -38.26 8.63 8.41
CA PRO C 296 -39.08 9.30 9.42
C PRO C 296 -38.52 10.68 9.76
N ALA C 297 -39.38 11.70 9.65
CA ALA C 297 -38.97 13.06 9.96
C ALA C 297 -39.00 13.27 11.47
N ASP C 298 -37.97 13.95 11.99
CA ASP C 298 -37.84 14.23 13.42
C ASP C 298 -37.84 12.93 14.22
N GLY C 299 -37.12 11.93 13.72
CA GLY C 299 -37.03 10.65 14.39
C GLY C 299 -35.62 10.13 14.47
N ARG C 300 -35.47 8.82 14.68
CA ARG C 300 -34.14 8.23 14.75
C ARG C 300 -33.45 8.31 13.39
N ALA C 301 -32.18 8.69 13.40
CA ALA C 301 -31.39 8.83 12.18
C ALA C 301 -30.71 7.50 11.85
N MET C 302 -31.50 6.61 11.24
CA MET C 302 -31.03 5.31 10.79
C MET C 302 -30.45 4.51 11.95
N HIS C 303 -31.32 4.11 12.90
CA HIS C 303 -30.92 3.34 14.07
C HIS C 303 -29.93 2.26 13.70
N PRO C 304 -28.81 2.12 14.43
CA PRO C 304 -27.69 1.28 13.96
C PRO C 304 -28.00 -0.20 13.86
N ALA C 305 -29.20 -0.62 14.24
CA ALA C 305 -29.55 -2.03 14.08
C ALA C 305 -29.57 -2.45 12.62
N VAL C 306 -29.91 -1.55 11.70
CA VAL C 306 -29.87 -1.85 10.28
C VAL C 306 -28.45 -2.05 9.78
N TRP C 307 -27.46 -1.50 10.48
CA TRP C 307 -26.08 -1.75 10.08
C TRP C 307 -25.62 -3.13 10.52
N CYS C 308 -25.87 -3.49 11.79
CA CYS C 308 -25.49 -4.81 12.26
C CYS C 308 -26.23 -5.92 11.53
N ALA C 309 -27.56 -5.85 11.50
CA ALA C 309 -28.37 -6.90 10.88
C ALA C 309 -28.03 -7.13 9.41
N SER C 310 -27.40 -6.16 8.76
CA SER C 310 -27.07 -6.28 7.35
C SER C 310 -25.60 -6.51 7.07
N VAL C 311 -24.71 -6.17 7.99
CA VAL C 311 -23.28 -6.37 7.76
C VAL C 311 -22.76 -7.61 8.46
N ALA C 312 -23.48 -8.13 9.46
CA ALA C 312 -23.04 -9.34 10.13
C ALA C 312 -22.99 -10.54 9.18
N PRO C 313 -24.04 -10.80 8.38
CA PRO C 313 -23.94 -11.92 7.44
C PRO C 313 -22.86 -11.72 6.39
N LEU C 314 -22.50 -10.48 6.09
CA LEU C 314 -21.37 -10.25 5.20
C LEU C 314 -20.05 -10.41 5.94
N PHE C 315 -19.98 -9.95 7.18
CA PHE C 315 -18.72 -10.04 7.93
C PHE C 315 -18.35 -11.46 8.26
N ALA C 316 -19.33 -12.32 8.54
CA ALA C 316 -19.01 -13.72 8.82
C ALA C 316 -18.49 -14.43 7.57
N LEU C 317 -19.20 -14.28 6.45
CA LEU C 317 -18.74 -14.86 5.20
C LEU C 317 -17.37 -14.33 4.80
N GLU C 318 -17.09 -13.06 5.09
CA GLU C 318 -15.79 -12.50 4.79
C GLU C 318 -14.72 -13.05 5.72
N LEU C 319 -15.05 -13.23 6.99
CA LEU C 319 -14.12 -13.86 7.92
C LEU C 319 -13.77 -15.28 7.48
N LYS C 320 -14.71 -15.98 6.87
CA LYS C 320 -14.42 -17.31 6.34
C LYS C 320 -13.60 -17.28 5.06
N ILE C 321 -13.96 -16.41 4.10
CA ILE C 321 -13.24 -16.38 2.83
C ILE C 321 -11.83 -15.87 3.01
N TYR C 322 -11.64 -14.81 3.79
CA TYR C 322 -10.29 -14.26 3.98
C TYR C 322 -9.42 -15.22 4.77
N GLY C 323 -10.02 -16.04 5.64
CA GLY C 323 -9.27 -17.08 6.30
C GLY C 323 -8.90 -18.22 5.38
N GLN C 324 -9.77 -18.57 4.43
CA GLN C 324 -9.43 -19.55 3.42
C GLN C 324 -8.36 -19.07 2.45
N TRP C 325 -8.24 -17.75 2.25
CA TRP C 325 -7.27 -17.24 1.29
C TRP C 325 -5.86 -17.57 1.77
N LEU C 326 -5.64 -17.65 3.09
CA LEU C 326 -4.39 -18.14 3.65
C LEU C 326 -4.32 -19.65 3.84
N SER C 327 -5.15 -20.17 4.75
CA SER C 327 -5.11 -21.57 5.14
C SER C 327 -5.82 -22.57 4.23
N GLY C 328 -6.25 -22.14 3.04
CA GLY C 328 -6.90 -23.05 2.12
C GLY C 328 -5.88 -23.86 1.32
N GLY C 329 -6.23 -25.11 1.05
CA GLY C 329 -5.38 -25.95 0.24
C GLY C 329 -5.66 -25.80 -1.24
N LYS C 330 -6.92 -25.99 -1.64
CA LYS C 330 -7.31 -25.91 -3.03
C LYS C 330 -8.02 -24.61 -3.38
N ARG C 331 -8.52 -23.88 -2.39
CA ARG C 331 -9.22 -22.61 -2.60
C ARG C 331 -8.40 -21.42 -2.11
N ARG C 332 -7.08 -21.52 -2.25
CA ARG C 332 -6.20 -20.40 -1.94
C ARG C 332 -6.39 -19.30 -2.97
N LEU C 333 -5.94 -18.09 -2.62
CA LEU C 333 -6.13 -16.94 -3.50
C LEU C 333 -5.36 -17.08 -4.80
N CYS C 334 -4.14 -17.64 -4.75
CA CYS C 334 -3.32 -17.74 -5.95
C CYS C 334 -3.94 -18.63 -7.02
N LYS C 335 -4.93 -19.45 -6.67
CA LYS C 335 -5.59 -20.32 -7.63
C LYS C 335 -7.05 -19.96 -7.87
N VAL C 336 -7.55 -18.89 -7.25
CA VAL C 336 -8.96 -18.53 -7.33
C VAL C 336 -9.09 -17.10 -7.83
N ALA C 337 -8.03 -16.30 -7.65
CA ALA C 337 -8.05 -14.88 -7.96
C ALA C 337 -8.54 -14.59 -9.38
N ASN C 338 -9.67 -13.93 -9.48
CA ASN C 338 -10.28 -13.54 -10.75
C ASN C 338 -10.84 -12.13 -10.59
N PRO C 339 -11.17 -11.43 -11.68
CA PRO C 339 -11.69 -10.06 -11.54
C PRO C 339 -12.97 -9.96 -10.71
N SER C 340 -13.72 -11.05 -10.57
CA SER C 340 -14.90 -11.05 -9.73
C SER C 340 -14.57 -11.24 -8.25
N SER C 341 -13.30 -11.29 -7.89
CA SER C 341 -12.91 -11.40 -6.49
C SER C 341 -12.98 -10.06 -5.77
N HIS C 342 -13.16 -8.96 -6.49
CA HIS C 342 -13.36 -7.66 -5.89
C HIS C 342 -14.70 -7.54 -5.19
N LEU C 343 -15.60 -8.51 -5.38
CA LEU C 343 -16.90 -8.46 -4.74
C LEU C 343 -16.83 -8.83 -3.26
N SER C 344 -15.71 -9.39 -2.82
CA SER C 344 -15.51 -9.65 -1.40
C SER C 344 -15.04 -8.39 -0.69
N VAL C 345 -14.37 -7.50 -1.42
CA VAL C 345 -13.78 -6.31 -0.82
C VAL C 345 -14.78 -5.16 -0.77
N VAL C 346 -15.59 -5.01 -1.84
CA VAL C 346 -16.52 -3.89 -1.92
C VAL C 346 -17.45 -3.86 -0.71
N GLY C 347 -17.81 -5.04 -0.20
CA GLY C 347 -18.66 -5.09 0.96
C GLY C 347 -18.14 -4.30 2.13
N ASN C 348 -16.81 -4.27 2.32
CA ASN C 348 -16.24 -3.53 3.43
C ASN C 348 -16.46 -2.03 3.28
N PHE C 349 -16.24 -1.50 2.09
CA PHE C 349 -16.40 -0.07 1.89
C PHE C 349 -17.87 0.34 1.92
N VAL C 350 -18.77 -0.49 1.38
CA VAL C 350 -20.18 -0.15 1.49
C VAL C 350 -20.65 -0.23 2.94
N GLY C 351 -20.16 -1.21 3.70
CA GLY C 351 -20.42 -1.24 5.12
C GLY C 351 -19.86 -0.06 5.88
N ALA C 352 -18.71 0.47 5.44
CA ALA C 352 -18.18 1.68 6.05
C ALA C 352 -19.07 2.88 5.77
N ILE C 353 -19.58 3.00 4.56
CA ILE C 353 -20.53 4.07 4.26
C ILE C 353 -21.76 3.96 5.15
N LEU C 354 -22.32 2.75 5.26
CA LEU C 354 -23.51 2.57 6.09
C LEU C 354 -23.21 2.86 7.55
N ALA C 355 -22.03 2.45 8.04
CA ALA C 355 -21.67 2.71 9.42
C ALA C 355 -21.50 4.20 9.68
N ALA C 356 -20.99 4.94 8.69
CA ALA C 356 -20.92 6.38 8.82
C ALA C 356 -22.31 6.99 8.85
N ARG C 357 -23.23 6.44 8.06
N ARG C 357 -23.25 6.42 8.09
CA ARG C 357 -24.60 6.95 8.07
CA ARG C 357 -24.59 6.99 8.08
C ARG C 357 -25.27 6.73 9.41
C ARG C 357 -25.34 6.70 9.38
N VAL C 358 -25.14 5.52 9.97
CA VAL C 358 -25.84 5.21 11.21
C VAL C 358 -25.22 5.93 12.40
N GLY C 359 -23.99 6.42 12.26
CA GLY C 359 -23.32 7.16 13.31
C GLY C 359 -22.10 6.47 13.88
N TRP C 360 -22.01 5.14 13.75
CA TRP C 360 -20.87 4.39 14.27
C TRP C 360 -19.65 4.59 13.38
N VAL C 361 -18.95 5.71 13.54
CA VAL C 361 -17.83 6.01 12.67
C VAL C 361 -16.67 5.05 12.87
N GLU C 362 -16.45 4.56 14.09
CA GLU C 362 -15.32 3.68 14.34
C GLU C 362 -15.49 2.30 13.71
N ALA C 363 -16.70 1.76 13.69
CA ALA C 363 -16.95 0.57 12.89
C ALA C 363 -16.71 0.82 11.42
N GLY C 364 -17.02 2.02 10.93
CA GLY C 364 -16.68 2.37 9.57
C GLY C 364 -15.19 2.36 9.33
N LYS C 365 -14.41 2.90 10.26
CA LYS C 365 -12.96 2.86 10.11
C LYS C 365 -12.42 1.45 10.17
N PHE C 366 -12.99 0.60 11.00
CA PHE C 366 -12.59 -0.80 11.06
C PHE C 366 -12.83 -1.50 9.73
N LEU C 367 -14.04 -1.33 9.18
CA LEU C 367 -14.35 -1.96 7.90
C LEU C 367 -13.49 -1.38 6.78
N TRP C 368 -13.23 -0.08 6.79
CA TRP C 368 -12.37 0.50 5.76
C TRP C 368 -10.95 -0.03 5.86
N ALA C 369 -10.43 -0.20 7.07
CA ALA C 369 -9.09 -0.75 7.22
C ALA C 369 -9.00 -2.17 6.70
N ILE C 370 -9.89 -3.05 7.16
CA ILE C 370 -9.87 -4.44 6.67
C ILE C 370 -10.30 -4.54 5.22
N GLY C 371 -10.83 -3.48 4.63
CA GLY C 371 -11.15 -3.49 3.23
C GLY C 371 -9.97 -3.09 2.38
N VAL C 372 -9.24 -2.05 2.78
CA VAL C 372 -8.07 -1.65 2.00
C VAL C 372 -6.95 -2.67 2.14
N ALA C 373 -6.83 -3.29 3.32
CA ALA C 373 -5.77 -4.27 3.53
C ALA C 373 -5.89 -5.44 2.57
N HIS C 374 -7.12 -5.80 2.21
CA HIS C 374 -7.34 -6.90 1.28
C HIS C 374 -7.54 -6.44 -0.15
N TYR C 375 -7.93 -5.19 -0.35
CA TYR C 375 -7.93 -4.62 -1.70
C TYR C 375 -6.52 -4.57 -2.25
N ILE C 376 -5.55 -4.21 -1.42
CA ILE C 376 -4.16 -4.21 -1.90
C ILE C 376 -3.77 -5.61 -2.34
N VAL C 377 -4.13 -6.62 -1.55
CA VAL C 377 -3.78 -8.00 -1.88
C VAL C 377 -4.43 -8.42 -3.19
N VAL C 378 -5.73 -8.18 -3.35
CA VAL C 378 -6.42 -8.59 -4.56
C VAL C 378 -5.87 -7.84 -5.77
N PHE C 379 -5.63 -6.54 -5.61
CA PHE C 379 -5.10 -5.74 -6.71
C PHE C 379 -3.75 -6.25 -7.17
N VAL C 380 -2.87 -6.60 -6.24
CA VAL C 380 -1.55 -7.07 -6.66
C VAL C 380 -1.62 -8.49 -7.19
N THR C 381 -2.51 -9.33 -6.65
CA THR C 381 -2.59 -10.72 -7.10
C THR C 381 -3.35 -10.88 -8.40
N LEU C 382 -4.09 -9.87 -8.84
CA LEU C 382 -4.76 -9.93 -10.13
C LEU C 382 -3.87 -9.45 -11.27
N TYR C 383 -2.72 -8.88 -10.96
CA TYR C 383 -1.78 -8.39 -11.97
C TYR C 383 -0.74 -9.42 -12.36
N GLN C 384 -0.78 -10.61 -11.77
CA GLN C 384 0.18 -11.67 -12.08
C GLN C 384 -0.50 -12.86 -12.71
N ARG C 385 -1.53 -13.42 -12.08
CA ARG C 385 -2.25 -14.59 -12.58
C ARG C 385 -1.32 -15.75 -12.91
N GLU C 395 -10.53 -12.12 -21.58
CA GLU C 395 -11.21 -10.84 -21.43
C GLU C 395 -12.73 -11.02 -21.49
N LEU C 396 -13.37 -10.95 -20.33
CA LEU C 396 -14.83 -11.00 -20.24
C LEU C 396 -15.36 -9.57 -20.23
N HIS C 397 -16.54 -9.38 -20.82
CA HIS C 397 -17.03 -8.02 -20.95
C HIS C 397 -17.61 -7.47 -19.64
N PRO C 398 -18.67 -8.07 -19.06
CA PRO C 398 -19.34 -7.40 -17.94
C PRO C 398 -18.61 -7.49 -16.60
N VAL C 399 -18.09 -8.68 -16.25
CA VAL C 399 -17.59 -8.90 -14.90
C VAL C 399 -16.13 -8.49 -14.75
N TYR C 400 -15.42 -8.26 -15.85
CA TYR C 400 -14.05 -7.77 -15.76
C TYR C 400 -13.98 -6.34 -15.26
N SER C 401 -15.11 -5.65 -15.17
CA SER C 401 -15.15 -4.24 -14.81
C SER C 401 -15.30 -4.01 -13.32
N MET C 402 -15.14 -5.05 -12.50
CA MET C 402 -15.16 -4.87 -11.05
C MET C 402 -13.91 -4.20 -10.54
N PHE C 403 -12.95 -3.88 -11.42
CA PHE C 403 -11.77 -3.13 -11.01
C PHE C 403 -12.13 -1.70 -10.65
N ILE C 404 -13.28 -1.22 -11.10
CA ILE C 404 -13.69 0.16 -10.86
C ILE C 404 -14.56 0.32 -9.64
N ALA C 405 -15.28 -0.73 -9.25
CA ALA C 405 -16.20 -0.64 -8.13
C ALA C 405 -15.51 -0.64 -6.78
N THR C 406 -14.33 -1.22 -6.66
CA THR C 406 -13.70 -1.25 -5.35
C THR C 406 -13.04 0.08 -5.00
N PRO C 407 -12.25 0.71 -5.90
CA PRO C 407 -11.66 2.00 -5.53
C PRO C 407 -12.64 3.14 -5.42
N SER C 408 -13.68 3.19 -6.25
CA SER C 408 -14.69 4.22 -6.08
C SER C 408 -15.39 4.07 -4.74
N ALA C 409 -15.68 2.84 -4.33
CA ALA C 409 -16.26 2.61 -3.02
C ALA C 409 -15.30 2.95 -1.90
N ALA C 410 -14.00 2.70 -2.08
CA ALA C 410 -13.03 3.05 -1.05
C ALA C 410 -12.87 4.56 -0.95
N SER C 411 -13.10 5.28 -2.04
CA SER C 411 -13.11 6.73 -2.01
C SER C 411 -14.37 7.28 -1.35
N LEU C 412 -15.51 6.64 -1.61
CA LEU C 412 -16.75 7.07 -0.98
C LEU C 412 -16.77 6.80 0.51
N ALA C 413 -16.25 5.64 0.94
CA ALA C 413 -16.23 5.31 2.36
C ALA C 413 -15.32 6.23 3.15
N TRP C 414 -14.16 6.61 2.60
CA TRP C 414 -13.28 7.52 3.32
C TRP C 414 -13.87 8.93 3.39
N ALA C 415 -14.63 9.34 2.38
CA ALA C 415 -15.31 10.62 2.42
C ALA C 415 -16.54 10.60 3.31
N ALA C 416 -17.10 9.43 3.59
CA ALA C 416 -18.22 9.35 4.52
C ALA C 416 -17.74 9.28 5.95
N ILE C 417 -16.63 8.59 6.19
CA ILE C 417 -16.08 8.49 7.55
C ILE C 417 -15.52 9.83 7.99
N TYR C 418 -14.51 10.32 7.28
CA TYR C 418 -13.96 11.66 7.52
C TYR C 418 -14.69 12.63 6.60
N GLY C 419 -15.05 13.80 7.15
CA GLY C 419 -16.07 14.62 6.53
C GLY C 419 -15.85 14.95 5.07
N SER C 420 -14.61 15.21 4.67
CA SER C 420 -14.34 15.75 3.35
C SER C 420 -13.58 14.77 2.47
N PHE C 421 -13.26 15.24 1.26
CA PHE C 421 -12.63 14.44 0.21
C PHE C 421 -11.13 14.70 0.27
N ASP C 422 -10.49 14.19 1.33
CA ASP C 422 -9.18 14.67 1.75
C ASP C 422 -8.05 13.80 1.24
N ALA C 423 -7.82 13.85 -0.08
CA ALA C 423 -6.59 13.40 -0.73
C ALA C 423 -6.39 11.88 -0.69
N VAL C 424 -7.10 11.19 0.20
CA VAL C 424 -7.08 9.73 0.16
C VAL C 424 -8.30 9.25 -0.60
N ALA C 425 -9.46 9.84 -0.30
CA ALA C 425 -10.58 9.74 -1.21
C ALA C 425 -10.16 10.15 -2.61
N ARG C 426 -9.32 11.17 -2.72
CA ARG C 426 -8.90 11.63 -4.04
C ARG C 426 -7.94 10.64 -4.69
N THR C 427 -6.98 10.10 -3.92
CA THR C 427 -6.11 9.08 -4.49
C THR C 427 -6.91 7.89 -5.01
N PHE C 428 -7.81 7.35 -4.18
CA PHE C 428 -8.56 6.18 -4.59
C PHE C 428 -9.51 6.50 -5.73
N PHE C 429 -10.12 7.69 -5.73
CA PHE C 429 -11.04 8.05 -6.78
C PHE C 429 -10.32 8.24 -8.11
N PHE C 430 -9.11 8.79 -8.08
CA PHE C 430 -8.37 8.97 -9.32
C PHE C 430 -7.84 7.63 -9.84
N MET C 431 -7.50 6.72 -8.93
CA MET C 431 -7.19 5.36 -9.35
C MET C 431 -8.39 4.70 -10.03
N ALA C 432 -9.58 4.84 -9.45
CA ALA C 432 -10.80 4.32 -10.05
C ALA C 432 -11.11 4.98 -11.39
N LEU C 433 -10.89 6.29 -11.50
CA LEU C 433 -11.11 6.98 -12.76
C LEU C 433 -10.14 6.52 -13.84
N PHE C 434 -8.89 6.26 -13.48
CA PHE C 434 -7.95 5.72 -14.47
C PHE C 434 -8.35 4.31 -14.87
N LEU C 435 -8.79 3.48 -13.92
CA LEU C 435 -9.23 2.13 -14.28
C LEU C 435 -10.50 2.16 -15.13
N TYR C 436 -11.35 3.17 -14.95
CA TYR C 436 -12.52 3.33 -15.80
C TYR C 436 -12.14 3.82 -17.19
N MET C 437 -11.18 4.74 -17.26
CA MET C 437 -10.74 5.27 -18.54
C MET C 437 -10.00 4.21 -19.35
N SER C 438 -9.22 3.36 -18.68
CA SER C 438 -8.47 2.30 -19.34
C SER C 438 -9.38 1.12 -19.63
N LEU C 439 -10.67 1.17 -19.30
CA LEU C 439 -11.61 0.07 -19.63
C LEU C 439 -12.49 0.42 -20.83
N VAL C 440 -12.98 1.65 -20.90
CA VAL C 440 -13.72 2.07 -22.12
C VAL C 440 -12.83 1.93 -23.36
N VAL C 441 -11.52 1.90 -23.19
CA VAL C 441 -10.60 1.88 -24.37
C VAL C 441 -10.42 0.48 -24.98
N ARG C 442 -10.16 -0.52 -24.14
CA ARG C 442 -10.11 -1.92 -24.62
C ARG C 442 -11.47 -2.25 -25.23
N ILE C 443 -12.49 -2.40 -24.38
CA ILE C 443 -13.87 -2.67 -24.89
C ILE C 443 -14.46 -1.30 -25.23
N ASN C 444 -14.48 -0.94 -26.50
CA ASN C 444 -14.92 0.42 -26.90
C ASN C 444 -16.38 0.69 -26.45
N PHE C 445 -17.15 -0.37 -26.13
CA PHE C 445 -18.59 -0.34 -25.72
C PHE C 445 -19.31 -1.11 -26.82
N PHE C 446 -18.53 -1.69 -27.74
CA PHE C 446 -19.14 -2.45 -28.86
C PHE C 446 -18.79 -3.93 -28.73
N ARG C 447 -18.73 -4.46 -27.50
CA ARG C 447 -18.42 -5.90 -27.29
C ARG C 447 -19.34 -6.78 -28.14
N GLY C 448 -20.63 -6.41 -28.28
CA GLY C 448 -21.54 -7.16 -29.17
C GLY C 448 -22.97 -7.09 -28.69
N PHE C 449 -23.88 -7.80 -29.36
CA PHE C 449 -25.26 -7.83 -28.85
C PHE C 449 -25.31 -8.76 -27.65
N ARG C 450 -24.97 -8.20 -26.48
CA ARG C 450 -24.95 -8.95 -25.23
C ARG C 450 -25.67 -8.14 -24.16
N PHE C 451 -26.77 -8.68 -23.65
CA PHE C 451 -27.52 -8.07 -22.56
C PHE C 451 -28.02 -9.20 -21.67
N SER C 452 -27.36 -9.40 -20.52
CA SER C 452 -27.60 -10.58 -19.71
C SER C 452 -27.70 -10.18 -18.25
N ILE C 453 -27.91 -11.18 -17.39
CA ILE C 453 -27.90 -10.95 -15.95
C ILE C 453 -26.48 -10.66 -15.47
N ALA C 454 -25.48 -11.27 -16.12
CA ALA C 454 -24.10 -10.92 -15.84
C ALA C 454 -23.77 -9.52 -16.30
N TRP C 455 -24.43 -9.04 -17.36
CA TRP C 455 -24.28 -7.65 -17.80
C TRP C 455 -24.90 -6.66 -16.82
N TRP C 456 -25.74 -7.11 -15.90
CA TRP C 456 -26.26 -6.25 -14.85
C TRP C 456 -25.23 -5.95 -13.78
N SER C 457 -24.13 -6.70 -13.72
CA SER C 457 -23.03 -6.36 -12.84
C SER C 457 -21.96 -5.63 -13.64
N TYR C 458 -22.36 -5.09 -14.79
CA TYR C 458 -21.59 -4.08 -15.50
C TYR C 458 -22.02 -2.68 -15.15
N THR C 459 -23.14 -2.52 -14.44
CA THR C 459 -23.64 -1.21 -14.04
C THR C 459 -23.24 -0.83 -12.62
N PHE C 460 -23.05 -1.82 -11.75
CA PHE C 460 -22.68 -1.51 -10.37
C PHE C 460 -21.32 -0.83 -10.29
N PRO C 461 -20.29 -1.26 -11.02
CA PRO C 461 -19.03 -0.51 -10.97
C PRO C 461 -19.14 0.87 -11.60
N MET C 462 -19.88 1.00 -12.70
CA MET C 462 -20.01 2.30 -13.35
C MET C 462 -20.82 3.26 -12.49
N THR C 463 -21.76 2.74 -11.71
CA THR C 463 -22.60 3.62 -10.90
C THR C 463 -21.85 4.15 -9.69
N THR C 464 -21.05 3.30 -9.04
CA THR C 464 -20.23 3.79 -7.94
C THR C 464 -19.14 4.74 -8.44
N ALA C 465 -18.60 4.48 -9.61
CA ALA C 465 -17.63 5.39 -10.21
C ALA C 465 -18.27 6.69 -10.67
N SER C 466 -19.58 6.69 -10.92
CA SER C 466 -20.31 7.92 -11.21
C SER C 466 -20.76 8.64 -9.95
N LEU C 467 -20.84 7.93 -8.83
CA LEU C 467 -21.19 8.53 -7.55
C LEU C 467 -19.99 9.18 -6.88
N ALA C 468 -18.83 8.52 -6.90
CA ALA C 468 -17.61 9.12 -6.41
C ALA C 468 -17.29 10.41 -7.15
N THR C 469 -17.51 10.46 -8.45
CA THR C 469 -17.22 11.69 -9.18
C THR C 469 -18.26 12.77 -8.92
N VAL C 470 -19.49 12.42 -8.52
CA VAL C 470 -20.42 13.46 -8.06
C VAL C 470 -19.94 14.05 -6.75
N LYS C 471 -19.51 13.19 -5.81
CA LYS C 471 -18.93 13.70 -4.58
C LYS C 471 -17.71 14.59 -4.86
N TYR C 472 -16.88 14.18 -5.82
CA TYR C 472 -15.71 14.98 -6.18
C TYR C 472 -16.10 16.31 -6.81
N ALA C 473 -17.08 16.31 -7.70
CA ALA C 473 -17.54 17.55 -8.32
C ALA C 473 -18.16 18.50 -7.32
N GLU C 474 -18.74 17.97 -6.23
CA GLU C 474 -19.18 18.86 -5.16
C GLU C 474 -18.05 19.20 -4.20
N ALA C 475 -16.92 18.51 -4.29
CA ALA C 475 -15.73 18.84 -3.50
C ALA C 475 -14.80 19.81 -4.21
N VAL C 476 -14.60 19.65 -5.51
CA VAL C 476 -13.78 20.55 -6.32
C VAL C 476 -14.68 21.13 -7.41
N PRO C 477 -15.27 22.30 -7.21
CA PRO C 477 -16.30 22.80 -8.13
C PRO C 477 -15.74 23.57 -9.32
N CYS C 478 -15.14 22.84 -10.26
CA CYS C 478 -14.72 23.42 -11.53
C CYS C 478 -15.83 23.22 -12.56
N PHE C 479 -15.52 23.50 -13.83
CA PHE C 479 -16.44 23.15 -14.89
C PHE C 479 -16.11 21.77 -15.45
N LEU C 480 -14.81 21.48 -15.57
CA LEU C 480 -14.39 20.20 -16.13
C LEU C 480 -14.81 19.06 -15.20
N SER C 481 -14.74 19.26 -13.89
CA SER C 481 -15.17 18.24 -12.94
C SER C 481 -16.68 18.06 -12.94
N ARG C 482 -17.44 19.15 -13.01
CA ARG C 482 -18.89 19.05 -13.09
C ARG C 482 -19.33 18.35 -14.36
N ALA C 483 -18.75 18.68 -15.50
CA ALA C 483 -19.03 17.99 -16.74
C ALA C 483 -18.65 16.51 -16.68
N LEU C 484 -17.54 16.18 -16.02
CA LEU C 484 -17.17 14.78 -15.85
C LEU C 484 -18.18 14.01 -15.00
N ALA C 485 -18.63 14.61 -13.89
CA ALA C 485 -19.64 13.96 -13.07
C ALA C 485 -20.93 13.81 -13.86
N LEU C 486 -21.32 14.81 -14.65
CA LEU C 486 -22.59 14.79 -15.44
C LEU C 486 -22.47 13.81 -16.59
N SER C 487 -21.28 13.63 -17.14
CA SER C 487 -21.08 12.61 -18.16
C SER C 487 -21.14 11.19 -17.62
N LEU C 488 -20.39 10.90 -16.56
CA LEU C 488 -20.44 9.56 -15.97
C LEU C 488 -21.83 9.21 -15.44
N SER C 489 -22.55 10.19 -14.88
CA SER C 489 -23.87 9.92 -14.35
C SER C 489 -24.84 9.55 -15.48
N LEU C 490 -24.87 10.36 -16.53
CA LEU C 490 -25.77 10.09 -17.65
C LEU C 490 -25.31 8.90 -18.48
N MET C 491 -24.07 8.45 -18.30
CA MET C 491 -23.60 7.24 -18.97
C MET C 491 -23.94 5.98 -18.20
N SER C 492 -23.94 6.02 -16.87
CA SER C 492 -24.35 4.87 -16.08
C SER C 492 -25.87 4.73 -16.04
N THR C 493 -26.58 5.84 -15.86
CA THR C 493 -28.04 5.82 -15.83
C THR C 493 -28.65 5.34 -17.13
N THR C 494 -28.13 5.76 -18.28
CA THR C 494 -28.69 5.28 -19.54
C THR C 494 -28.45 3.79 -19.73
N MET C 495 -27.31 3.27 -19.29
CA MET C 495 -27.07 1.84 -19.40
C MET C 495 -27.99 1.04 -18.51
N VAL C 496 -28.19 1.49 -17.26
CA VAL C 496 -29.18 0.84 -16.41
C VAL C 496 -30.57 0.91 -17.04
N SER C 497 -30.93 2.05 -17.65
CA SER C 497 -32.24 2.18 -18.26
C SER C 497 -32.43 1.22 -19.42
N LEU C 498 -31.45 1.14 -20.33
CA LEU C 498 -31.57 0.20 -21.44
C LEU C 498 -31.59 -1.24 -20.97
N LEU C 499 -30.74 -1.60 -20.00
CA LEU C 499 -30.85 -2.94 -19.43
C LEU C 499 -32.22 -3.21 -18.84
N LEU C 500 -32.84 -2.21 -18.23
CA LEU C 500 -34.15 -2.39 -17.63
C LEU C 500 -35.22 -2.61 -18.70
N VAL C 501 -35.21 -1.79 -19.75
CA VAL C 501 -36.30 -1.87 -20.73
C VAL C 501 -36.07 -3.08 -21.62
N SER C 502 -34.84 -3.62 -21.59
CA SER C 502 -34.57 -4.89 -22.23
C SER C 502 -35.01 -6.08 -21.41
N THR C 503 -34.74 -6.08 -20.11
CA THR C 503 -35.15 -7.17 -19.22
C THR C 503 -36.68 -7.25 -19.09
N LEU C 504 -37.35 -6.14 -18.91
CA LEU C 504 -38.79 -6.18 -18.72
C LEU C 504 -39.40 -6.42 -20.08
N LEU C 505 -38.59 -6.62 -21.11
CA LEU C 505 -39.13 -6.96 -22.46
C LEU C 505 -39.01 -8.48 -22.62
N HIS C 506 -37.81 -9.02 -22.40
CA HIS C 506 -37.59 -10.48 -22.49
C HIS C 506 -38.52 -11.17 -21.49
N ALA C 507 -38.73 -10.56 -20.33
CA ALA C 507 -39.55 -11.19 -19.28
C ALA C 507 -40.97 -11.38 -19.79
N PHE C 508 -41.49 -10.40 -20.53
CA PHE C 508 -42.90 -10.49 -20.99
C PHE C 508 -42.98 -11.31 -22.27
N VAL C 509 -41.99 -11.18 -23.17
CA VAL C 509 -42.10 -11.86 -24.45
C VAL C 509 -41.62 -13.30 -24.40
N TRP C 510 -41.42 -13.78 -23.17
CA TRP C 510 -41.08 -15.21 -22.99
C TRP C 510 -42.24 -16.02 -23.55
N ARG C 511 -43.36 -16.10 -22.81
CA ARG C 511 -44.57 -16.80 -23.33
C ARG C 511 -45.77 -15.84 -23.36
N SER C 512 -45.62 -14.62 -22.82
CA SER C 512 -46.76 -13.65 -22.75
C SER C 512 -48.06 -14.37 -22.36
#